data_2J62
#
_entry.id   2J62
#
_cell.length_a   130.254
_cell.length_b   145.920
_cell.length_c   152.571
_cell.angle_alpha   90.00
_cell.angle_beta   90.00
_cell.angle_gamma   90.00
#
_symmetry.space_group_name_H-M   'I 21 21 21'
#
loop_
_entity.id
_entity.type
_entity.pdbx_description
1 polymer 'O-GlcNAcase NagJ'
2 non-polymer 'CHLORIDE ION'
3 non-polymer N-[(5R,6R,7R,8S)-6,7-DIHYDROXY-5-(HYDROXYMETHYL)-2-(2-PHENYLETHYL)-1,5,6,7,8,8A-HEXAHYDROIMIDAZO[1,2-A]PYRIDIN-8-YL]-2-METHYLPROPANAMIDE
4 water water
#
_entity_poly.entity_id   1
_entity_poly.type   'polypeptide(L)'
_entity_poly.pdbx_seq_one_letter_code
;VGPKTGEENQVLVPNLNPTPENLEVVGDGFKITSSINLVGEEEADENAVNALREFLTANNIEINSENDPNSTTLIIGEVD
DDIPELDEALNGTTAENLKEEGYALVSNDGKIAIEGKDGDGTFYGVQTFKQLVKESNIPEVNITDYPTVSARGIVEGFYG
TPWTHQDRLDQIKFYGENKLNTYIYAPKDDPYHREKWREPYPESEMQRMQELINASAENKVDFVFGISPGIDIRFDGDAG
EEDFNHLITKAESLYDMGVRSFAIYWDDIQDKSAAKHAQVLNRFNEEFVKAKGDVKPLITVPTEYDTGAMVSNGQPRAYT
RIFAETVDPSIEVMWTGPGVVTNEIPLSDAQLISGIYDRNMAVWWNYPVTDYFKGKLALGPMHGLDKGLNQYVDFFTVNP
MEHAELSKISIHTAADYSWNMDNYDYDKAWNRAIDMLYGDLAEDMKVFANHSTRMDNKTWAKSGREDAPELRAKMDELWN
KLSSKEDASALIEELYGEFARMEEACNNLKANLPEVALEECSRQLDELITLAQGDKASLDMIVAQLNEDTEAYESAKEIA
QNKLNTALSSFAVISEKVAQSFIQEALSFDLTLI
;
_entity_poly.pdbx_strand_id   A,B
#
# COMPACT_ATOMS: atom_id res chain seq x y z
N GLN A 10 -25.71 13.81 38.52
CA GLN A 10 -25.99 14.67 39.71
C GLN A 10 -24.83 14.68 40.73
N VAL A 11 -23.73 15.39 40.43
CA VAL A 11 -23.48 16.05 39.14
C VAL A 11 -22.11 15.66 38.55
N LEU A 12 -22.14 15.14 37.33
CA LEU A 12 -20.95 14.64 36.63
C LEU A 12 -20.05 15.77 36.17
N VAL A 13 -18.77 15.47 35.99
CA VAL A 13 -17.80 16.41 35.43
C VAL A 13 -18.00 16.48 33.92
N PRO A 14 -18.19 17.70 33.37
CA PRO A 14 -18.31 17.83 31.92
C PRO A 14 -17.00 17.55 31.19
N ASN A 15 -17.08 17.34 29.88
CA ASN A 15 -15.89 17.29 29.03
C ASN A 15 -15.03 18.48 29.35
N LEU A 16 -13.75 18.20 29.60
CA LEU A 16 -12.78 19.25 29.84
C LEU A 16 -11.68 19.16 28.81
N ASN A 17 -11.19 20.32 28.39
CA ASN A 17 -10.00 20.34 27.55
C ASN A 17 -9.14 21.54 27.87
N PRO A 18 -7.82 21.32 28.10
CA PRO A 18 -7.07 20.06 28.26
C PRO A 18 -7.49 19.21 29.49
N THR A 19 -7.04 17.96 29.53
CA THR A 19 -7.34 17.10 30.67
C THR A 19 -6.49 17.65 31.80
N PRO A 20 -7.13 18.04 32.92
CA PRO A 20 -6.37 18.50 34.09
C PRO A 20 -5.40 17.44 34.59
N GLU A 21 -4.28 17.87 35.15
CA GLU A 21 -3.28 16.95 35.69
C GLU A 21 -3.88 16.08 36.83
N ASN A 22 -4.43 16.71 37.85
CA ASN A 22 -5.03 15.96 38.94
C ASN A 22 -6.42 16.46 39.23
N LEU A 23 -7.40 15.62 38.93
CA LEU A 23 -8.78 15.95 39.25
C LEU A 23 -9.37 14.89 40.18
N GLU A 24 -10.09 15.34 41.20
CA GLU A 24 -10.82 14.38 42.03
C GLU A 24 -12.20 14.83 42.43
N VAL A 25 -13.16 13.94 42.22
CA VAL A 25 -14.53 14.20 42.63
C VAL A 25 -14.60 14.03 44.16
N VAL A 26 -14.88 15.14 44.85
CA VAL A 26 -14.91 15.14 46.31
C VAL A 26 -16.33 15.24 46.88
N GLY A 27 -17.33 15.27 46.02
CA GLY A 27 -18.72 15.34 46.47
C GLY A 27 -19.79 15.23 45.38
N ASP A 28 -21.03 15.51 45.75
CA ASP A 28 -22.18 15.35 44.84
C ASP A 28 -22.37 16.51 43.86
N GLY A 29 -21.84 17.68 44.21
CA GLY A 29 -21.98 18.88 43.38
C GLY A 29 -23.05 19.79 43.93
N PHE A 30 -23.11 21.01 43.38
CA PHE A 30 -24.09 22.00 43.82
C PHE A 30 -24.42 22.98 42.72
N LYS A 31 -25.51 23.73 42.90
CA LYS A 31 -25.90 24.79 41.97
C LYS A 31 -25.44 26.15 42.47
N ILE A 32 -24.74 26.89 41.60
CA ILE A 32 -24.33 28.26 41.88
C ILE A 32 -25.56 29.17 41.84
N THR A 33 -25.67 30.11 42.78
CA THR A 33 -26.83 30.99 42.87
C THR A 33 -26.89 32.04 41.74
N SER A 34 -28.06 32.70 41.64
CA SER A 34 -28.31 33.77 40.66
C SER A 34 -27.33 34.93 40.76
N SER A 35 -26.92 35.25 41.99
CA SER A 35 -25.79 36.14 42.23
C SER A 35 -24.84 35.53 43.24
N ILE A 36 -23.57 35.92 43.14
CA ILE A 36 -22.53 35.35 43.95
C ILE A 36 -21.77 36.41 44.76
N ASN A 37 -21.05 35.91 45.80
CA ASN A 37 -19.97 36.68 46.41
C ASN A 37 -18.73 36.46 45.57
N LEU A 38 -18.16 37.57 45.09
CA LEU A 38 -16.87 37.51 44.43
C LEU A 38 -15.81 38.09 45.38
N VAL A 39 -14.67 37.39 45.46
CA VAL A 39 -13.61 37.78 46.40
C VAL A 39 -12.23 37.66 45.72
N GLY A 40 -11.48 38.75 45.80
CA GLY A 40 -10.12 38.79 45.28
C GLY A 40 -9.94 39.48 43.94
N GLU A 41 -11.04 39.95 43.33
CA GLU A 41 -11.01 40.50 41.97
C GLU A 41 -9.93 41.54 41.78
N GLU A 42 -9.82 42.44 42.77
CA GLU A 42 -8.95 43.59 42.69
C GLU A 42 -7.48 43.24 42.86
N GLU A 43 -7.19 42.03 43.34
CA GLU A 43 -5.83 41.54 43.55
C GLU A 43 -5.41 40.45 42.56
N ALA A 44 -6.38 39.65 42.14
CA ALA A 44 -6.17 38.59 41.18
C ALA A 44 -5.87 39.19 39.81
N ASP A 45 -5.19 38.42 38.98
CA ASP A 45 -4.85 38.76 37.58
C ASP A 45 -5.99 39.43 36.80
N GLU A 46 -5.64 40.52 36.13
CA GLU A 46 -6.58 41.35 35.38
C GLU A 46 -7.25 40.62 34.22
N ASN A 47 -6.46 39.87 33.45
CA ASN A 47 -7.01 39.15 32.32
C ASN A 47 -7.86 37.98 32.77
N ALA A 48 -7.47 37.37 33.89
CA ALA A 48 -8.26 36.27 34.46
C ALA A 48 -9.66 36.75 34.92
N VAL A 49 -9.70 37.89 35.61
CA VAL A 49 -10.95 38.47 36.12
C VAL A 49 -11.83 38.93 34.95
N ASN A 50 -11.23 39.60 33.96
CA ASN A 50 -11.98 40.08 32.80
C ASN A 50 -12.64 38.97 32.02
N ALA A 51 -11.94 37.84 31.91
CA ALA A 51 -12.47 36.61 31.34
C ALA A 51 -13.58 36.03 32.20
N LEU A 52 -13.38 36.07 33.53
CA LEU A 52 -14.40 35.64 34.49
C LEU A 52 -15.67 36.48 34.40
N ARG A 53 -15.53 37.80 34.34
CA ARG A 53 -16.68 38.73 34.23
C ARG A 53 -17.48 38.47 32.95
N GLU A 54 -16.78 38.26 31.84
CA GLU A 54 -17.43 37.98 30.55
C GLU A 54 -18.32 36.76 30.67
N PHE A 55 -17.80 35.73 31.34
CA PHE A 55 -18.50 34.47 31.55
C PHE A 55 -19.71 34.62 32.45
N LEU A 56 -19.56 35.37 33.53
CA LEU A 56 -20.64 35.63 34.46
C LEU A 56 -21.77 36.40 33.78
N THR A 57 -21.41 37.45 33.04
CA THR A 57 -22.36 38.21 32.22
C THR A 57 -23.13 37.31 31.23
N ALA A 58 -22.41 36.45 30.51
CA ALA A 58 -23.03 35.58 29.49
C ALA A 58 -23.96 34.48 30.05
N ASN A 59 -23.71 34.05 31.28
CA ASN A 59 -24.49 32.99 31.90
C ASN A 59 -25.47 33.53 32.95
N ASN A 60 -25.73 34.83 32.85
CA ASN A 60 -26.75 35.51 33.62
C ASN A 60 -26.54 35.35 35.12
N ILE A 61 -25.27 35.42 35.53
CA ILE A 61 -24.89 35.36 36.94
C ILE A 61 -24.42 36.75 37.42
N GLU A 62 -25.09 37.27 38.44
CA GLU A 62 -24.80 38.61 38.97
C GLU A 62 -23.75 38.56 40.09
N ILE A 63 -23.17 39.72 40.41
CA ILE A 63 -22.18 39.83 41.50
C ILE A 63 -22.72 40.68 42.66
N ASN A 64 -22.74 40.10 43.86
CA ASN A 64 -23.17 40.82 45.09
C ASN A 64 -22.36 42.09 45.38
N SER A 65 -22.99 42.99 46.14
CA SER A 65 -22.63 44.41 46.21
C SER A 65 -21.68 44.95 47.33
N GLU A 66 -21.79 44.61 48.63
CA GLU A 66 -22.69 43.67 49.33
C GLU A 66 -22.21 42.24 49.22
N ASN A 67 -22.63 41.39 50.15
CA ASN A 67 -22.32 39.95 50.11
C ASN A 67 -23.33 39.08 50.89
N ASP A 68 -22.96 37.81 51.14
CA ASP A 68 -23.87 36.82 51.73
C ASP A 68 -25.12 36.78 50.84
N PRO A 69 -26.20 36.02 51.20
CA PRO A 69 -26.56 34.87 52.04
C PRO A 69 -25.51 33.69 52.09
N ASN A 70 -25.82 32.38 51.94
CA ASN A 70 -26.84 31.69 51.08
C ASN A 70 -26.54 31.80 49.60
N SER A 71 -25.57 32.73 49.27
CA SER A 71 -25.15 32.86 47.88
C SER A 71 -23.71 32.33 47.63
N THR A 72 -23.58 31.55 46.54
CA THR A 72 -22.31 30.87 46.17
C THR A 72 -21.10 31.84 46.14
N THR A 73 -19.94 31.33 46.62
CA THR A 73 -18.79 32.21 46.84
C THR A 73 -17.63 31.83 45.92
N LEU A 74 -17.32 32.74 45.00
CA LEU A 74 -16.14 32.58 44.16
C LEU A 74 -15.02 33.41 44.76
N ILE A 75 -13.89 32.71 44.99
CA ILE A 75 -12.67 33.34 45.52
C ILE A 75 -11.54 33.04 44.55
N ILE A 76 -10.80 34.10 44.18
CA ILE A 76 -9.83 34.01 43.09
C ILE A 76 -8.53 34.76 43.43
N GLY A 77 -7.39 34.20 43.03
CA GLY A 77 -6.09 34.87 43.23
C GLY A 77 -4.84 34.03 42.96
N GLU A 78 -3.68 34.63 43.23
CA GLU A 78 -2.37 33.98 43.11
C GLU A 78 -1.81 33.56 44.47
N VAL A 79 -0.85 32.64 44.48
CA VAL A 79 -0.15 32.24 45.72
C VAL A 79 0.55 33.43 46.38
N ASP A 80 1.10 34.34 45.57
CA ASP A 80 1.84 35.51 46.03
C ASP A 80 0.94 36.49 46.77
N ASP A 81 -0.35 36.45 46.49
CA ASP A 81 -1.34 37.27 47.17
C ASP A 81 -1.60 36.67 48.55
N ASP A 82 -2.09 37.51 49.46
CA ASP A 82 -2.50 37.03 50.76
C ASP A 82 -4.01 37.21 50.89
N ILE A 83 -4.75 36.20 50.45
CA ILE A 83 -6.20 36.18 50.62
C ILE A 83 -6.56 35.06 51.58
N PRO A 84 -7.05 35.41 52.78
CA PRO A 84 -7.42 34.41 53.78
C PRO A 84 -8.48 33.42 53.27
N GLU A 85 -9.56 33.98 52.70
CA GLU A 85 -10.68 33.16 52.20
C GLU A 85 -10.19 32.11 51.19
N LEU A 86 -9.27 32.50 50.32
CA LEU A 86 -8.65 31.54 49.44
C LEU A 86 -8.07 30.40 50.28
N ASP A 87 -7.15 30.74 51.19
CA ASP A 87 -6.52 29.72 52.04
C ASP A 87 -7.51 28.78 52.76
N GLU A 88 -8.59 29.38 53.33
CA GLU A 88 -9.62 28.59 54.03
C GLU A 88 -10.40 27.68 53.06
N ALA A 89 -10.67 28.22 51.88
CA ALA A 89 -11.51 27.55 50.90
C ALA A 89 -10.78 26.40 50.19
N LEU A 90 -9.47 26.54 50.03
CA LEU A 90 -8.67 25.52 49.36
C LEU A 90 -8.42 24.32 50.28
N ASN A 91 -8.45 24.58 51.58
CA ASN A 91 -8.30 23.56 52.62
C ASN A 91 -7.18 22.53 52.37
N GLY A 92 -5.94 23.01 52.26
CA GLY A 92 -4.78 22.14 52.16
C GLY A 92 -4.21 22.03 50.76
N THR A 93 -5.08 22.04 49.75
CA THR A 93 -4.63 22.07 48.35
C THR A 93 -4.06 23.45 48.02
N THR A 94 -3.02 23.47 47.19
CA THR A 94 -2.31 24.72 46.87
C THR A 94 -1.59 24.63 45.53
N ALA A 95 -1.35 25.78 44.91
CA ALA A 95 -0.64 25.86 43.63
C ALA A 95 0.83 26.17 43.88
N GLU A 96 1.17 26.29 45.17
CA GLU A 96 2.46 26.77 45.64
C GLU A 96 3.65 26.05 45.00
N ASN A 97 3.53 24.73 44.85
CA ASN A 97 4.66 23.90 44.40
C ASN A 97 4.60 23.49 42.93
N LEU A 98 3.70 24.12 42.17
CA LEU A 98 3.54 23.78 40.76
C LEU A 98 4.39 24.71 39.86
N LYS A 99 4.65 24.27 38.63
CA LYS A 99 5.38 25.09 37.66
C LYS A 99 4.58 26.31 37.20
N GLU A 100 5.22 27.17 36.41
CA GLU A 100 4.54 28.30 35.77
C GLU A 100 3.28 27.82 35.07
N GLU A 101 2.25 28.65 35.08
CA GLU A 101 0.95 28.39 34.42
C GLU A 101 0.06 27.38 35.17
N GLY A 102 0.54 26.92 36.34
CA GLY A 102 -0.21 25.96 37.16
C GLY A 102 -1.26 26.66 38.00
N TYR A 103 -2.25 25.89 38.48
CA TYR A 103 -3.31 26.45 39.33
C TYR A 103 -3.96 25.37 40.19
N ALA A 104 -4.75 25.83 41.13
CA ALA A 104 -5.56 24.97 41.96
C ALA A 104 -6.98 25.46 41.84
N LEU A 105 -7.89 24.50 41.72
CA LEU A 105 -9.30 24.79 41.79
C LEU A 105 -9.94 23.81 42.75
N VAL A 106 -10.66 24.32 43.74
CA VAL A 106 -11.48 23.46 44.58
C VAL A 106 -12.89 24.03 44.65
N SER A 107 -13.86 23.19 44.24
CA SER A 107 -15.27 23.52 44.45
C SER A 107 -15.89 22.54 45.44
N ASN A 108 -16.32 23.08 46.59
CA ASN A 108 -16.93 22.29 47.65
C ASN A 108 -17.90 23.16 48.44
N ASP A 109 -19.01 22.55 48.89
CA ASP A 109 -20.00 23.18 49.79
C ASP A 109 -20.39 24.65 49.52
N GLY A 110 -20.56 24.98 48.23
CA GLY A 110 -21.01 26.32 47.82
C GLY A 110 -19.91 27.36 47.53
N LYS A 111 -18.55 26.73 47.84
CA LYS A 111 -17.40 27.60 47.54
C LYS A 111 -16.70 27.12 46.28
N ILE A 112 -16.17 28.08 45.51
CA ILE A 112 -15.23 27.79 44.42
C ILE A 112 -13.97 28.65 44.60
N ALA A 113 -12.84 27.96 44.83
CA ALA A 113 -11.57 28.67 44.98
C ALA A 113 -10.66 28.45 43.78
N ILE A 114 -10.17 29.55 43.20
CA ILE A 114 -9.21 29.49 42.10
C ILE A 114 -7.91 30.22 42.46
N GLU A 115 -6.83 29.45 42.56
CA GLU A 115 -5.51 29.98 42.89
C GLU A 115 -4.51 29.59 41.80
N GLY A 116 -3.94 30.59 41.14
CA GLY A 116 -2.87 30.33 40.17
C GLY A 116 -1.49 30.43 40.81
N LYS A 117 -0.53 29.72 40.21
CA LYS A 117 0.87 29.85 40.60
C LYS A 117 1.36 31.25 40.21
N ASP A 118 0.86 31.74 39.09
CA ASP A 118 1.13 33.08 38.57
C ASP A 118 -0.15 33.59 37.86
N GLY A 119 -0.09 34.76 37.24
CA GLY A 119 -1.26 35.30 36.54
C GLY A 119 -1.77 34.42 35.39
N ASP A 120 -0.85 33.78 34.67
CA ASP A 120 -1.21 32.83 33.63
C ASP A 120 -2.04 31.69 34.21
N GLY A 121 -1.61 31.15 35.34
CA GLY A 121 -2.28 30.04 35.98
C GLY A 121 -3.69 30.39 36.44
N THR A 122 -3.87 31.58 37.01
CA THR A 122 -5.18 32.04 37.44
C THR A 122 -6.15 32.09 36.23
N PHE A 123 -5.68 32.65 35.12
CA PHE A 123 -6.43 32.72 33.86
C PHE A 123 -6.92 31.33 33.41
N TYR A 124 -5.99 30.36 33.37
CA TYR A 124 -6.30 28.96 33.06
C TYR A 124 -7.25 28.33 34.08
N GLY A 125 -7.10 28.74 35.34
CA GLY A 125 -8.02 28.35 36.38
C GLY A 125 -9.44 28.77 36.00
N VAL A 126 -9.57 30.00 35.52
CA VAL A 126 -10.88 30.53 35.09
C VAL A 126 -11.40 29.76 33.88
N GLN A 127 -10.49 29.41 32.97
CA GLN A 127 -10.87 28.64 31.80
C GLN A 127 -11.46 27.27 32.18
N THR A 128 -10.82 26.61 33.15
CA THR A 128 -11.31 25.34 33.66
C THR A 128 -12.67 25.51 34.36
N PHE A 129 -12.81 26.58 35.12
CA PHE A 129 -14.09 26.91 35.75
C PHE A 129 -15.23 27.02 34.72
N LYS A 130 -14.93 27.67 33.60
CA LYS A 130 -15.91 27.92 32.57
C LYS A 130 -16.41 26.61 31.97
N GLN A 131 -15.50 25.66 31.80
CA GLN A 131 -15.81 24.32 31.32
C GLN A 131 -16.52 23.45 32.36
N LEU A 132 -16.36 23.78 33.64
CA LEU A 132 -16.95 22.99 34.71
C LEU A 132 -18.42 23.31 34.95
N VAL A 133 -18.83 24.54 34.68
CA VAL A 133 -20.21 24.99 34.95
C VAL A 133 -21.18 24.66 33.81
N LYS A 134 -22.30 24.03 34.15
CA LYS A 134 -23.37 23.76 33.20
C LYS A 134 -24.71 24.08 33.82
N GLU A 135 -25.38 25.10 33.28
CA GLU A 135 -26.69 25.54 33.77
C GLU A 135 -26.64 26.01 35.22
N SER A 136 -25.47 26.44 35.67
CA SER A 136 -25.22 26.85 37.07
C SER A 136 -24.78 25.71 37.98
N ASN A 137 -24.94 24.48 37.49
CA ASN A 137 -24.46 23.30 38.20
C ASN A 137 -22.98 23.09 38.00
N ILE A 138 -22.29 22.83 39.10
CA ILE A 138 -20.86 22.51 39.09
C ILE A 138 -20.63 21.22 39.88
N PRO A 139 -19.79 20.31 39.36
CA PRO A 139 -19.35 19.19 40.19
C PRO A 139 -18.47 19.69 41.34
N GLU A 140 -18.48 18.96 42.47
CA GLU A 140 -17.53 19.25 43.54
C GLU A 140 -16.23 18.48 43.32
N VAL A 141 -15.13 19.24 43.15
CA VAL A 141 -13.85 18.68 42.71
C VAL A 141 -12.63 19.34 43.35
N ASN A 142 -11.53 18.58 43.36
CA ASN A 142 -10.21 19.02 43.78
C ASN A 142 -9.21 18.82 42.66
N ILE A 143 -8.80 19.94 42.05
CA ILE A 143 -7.89 19.96 40.91
C ILE A 143 -6.63 20.74 41.23
N THR A 144 -5.49 20.15 40.83
CA THR A 144 -4.22 20.86 40.67
C THR A 144 -3.76 20.52 39.26
N ASP A 145 -3.20 21.50 38.55
CA ASP A 145 -3.02 21.35 37.11
C ASP A 145 -1.91 22.26 36.57
N TYR A 146 -1.24 21.82 35.52
CA TYR A 146 -0.07 22.50 34.95
C TYR A 146 0.31 21.79 33.66
N PRO A 147 0.91 22.53 32.72
CA PRO A 147 1.22 21.98 31.40
C PRO A 147 2.44 21.05 31.40
N THR A 148 2.41 20.04 30.54
CA THR A 148 3.58 19.22 30.31
C THR A 148 4.66 20.07 29.61
N VAL A 149 4.26 20.69 28.50
CA VAL A 149 5.16 21.43 27.61
C VAL A 149 4.89 22.91 27.88
N SER A 150 5.94 23.71 27.98
CA SER A 150 5.81 25.11 28.40
C SER A 150 5.36 26.08 27.30
N ALA A 151 5.58 25.72 26.04
CA ALA A 151 5.08 26.53 24.90
C ALA A 151 4.22 25.67 24.00
N ARG A 152 2.95 26.04 23.90
CA ARG A 152 1.91 25.24 23.25
C ARG A 152 1.10 26.14 22.32
N GLY A 153 1.15 25.92 21.03
CA GLY A 153 0.37 26.78 20.13
C GLY A 153 0.30 26.42 18.66
N ILE A 154 0.03 27.44 17.85
CA ILE A 154 -0.19 27.36 16.42
C ILE A 154 0.80 28.28 15.71
N VAL A 155 1.37 27.81 14.62
CA VAL A 155 2.07 28.68 13.69
C VAL A 155 1.21 28.79 12.42
N GLU A 156 0.79 29.99 12.08
CA GLU A 156 0.07 30.18 10.83
C GLU A 156 1.20 30.23 9.82
N GLY A 157 1.66 29.07 9.35
CA GLY A 157 2.86 28.99 8.50
C GLY A 157 2.67 28.31 7.15
N PHE A 158 1.43 28.31 6.67
CA PHE A 158 1.08 27.55 5.48
C PHE A 158 1.16 28.40 4.22
N TYR A 159 1.19 27.72 3.06
CA TYR A 159 0.99 28.39 1.76
C TYR A 159 -0.53 28.50 1.49
N GLY A 160 -0.91 29.52 0.72
CA GLY A 160 -2.32 29.72 0.40
C GLY A 160 -2.88 30.98 1.04
N THR A 161 -4.18 31.19 0.85
CA THR A 161 -4.87 32.36 1.40
C THR A 161 -4.67 32.44 2.92
N PRO A 162 -4.04 33.53 3.43
CA PRO A 162 -3.83 33.63 4.87
C PRO A 162 -5.17 33.83 5.59
N TRP A 163 -5.21 33.48 6.88
CA TRP A 163 -6.42 33.65 7.66
C TRP A 163 -6.80 35.12 7.63
N THR A 164 -8.11 35.41 7.58
CA THR A 164 -8.59 36.80 7.74
C THR A 164 -8.30 37.32 9.17
N HIS A 165 -8.38 38.63 9.32
CA HIS A 165 -8.23 39.27 10.62
C HIS A 165 -9.28 38.78 11.63
N GLN A 166 -10.55 38.69 11.20
CA GLN A 166 -11.58 38.07 12.04
C GLN A 166 -11.27 36.62 12.40
N ASP A 167 -10.82 35.83 11.42
CA ASP A 167 -10.31 34.47 11.68
C ASP A 167 -9.31 34.44 12.85
N ARG A 168 -8.33 35.34 12.80
CA ARG A 168 -7.24 35.36 13.78
C ARG A 168 -7.69 35.74 15.20
N LEU A 169 -8.57 36.73 15.29
CA LEU A 169 -9.12 37.14 16.57
C LEU A 169 -9.89 35.99 17.20
N ASP A 170 -10.65 35.28 16.37
CA ASP A 170 -11.46 34.19 16.86
C ASP A 170 -10.57 33.00 17.26
N GLN A 171 -9.52 32.75 16.50
CA GLN A 171 -8.52 31.74 16.88
C GLN A 171 -7.86 32.06 18.23
N ILE A 172 -7.36 33.28 18.38
CA ILE A 172 -6.71 33.72 19.61
C ILE A 172 -7.58 33.52 20.89
N LYS A 173 -8.86 33.84 20.82
CA LYS A 173 -9.77 33.53 21.93
C LYS A 173 -9.91 32.03 22.15
N PHE A 174 -10.05 31.29 21.06
CA PHE A 174 -10.12 29.85 21.11
C PHE A 174 -8.90 29.26 21.80
N TYR A 175 -7.70 29.78 21.48
CA TYR A 175 -6.46 29.36 22.15
C TYR A 175 -6.50 29.59 23.66
N GLY A 176 -6.90 30.80 24.06
CA GLY A 176 -7.14 31.10 25.49
C GLY A 176 -7.98 30.05 26.19
N GLU A 177 -9.13 29.72 25.61
CA GLU A 177 -10.11 28.81 26.23
C GLU A 177 -9.61 27.39 26.40
N ASN A 178 -8.63 27.01 25.57
CA ASN A 178 -8.04 25.69 25.59
C ASN A 178 -6.58 25.67 26.08
N LYS A 179 -6.19 26.77 26.72
CA LYS A 179 -4.89 26.90 27.37
C LYS A 179 -3.70 26.79 26.40
N LEU A 180 -3.90 27.21 25.15
CA LEU A 180 -2.75 27.29 24.23
C LEU A 180 -2.13 28.68 24.38
N ASN A 181 -0.80 28.77 24.46
CA ASN A 181 -0.16 30.06 24.84
C ASN A 181 0.76 30.69 23.78
N THR A 182 0.73 30.16 22.56
CA THR A 182 1.65 30.62 21.54
C THR A 182 0.94 30.75 20.20
N TYR A 183 1.04 31.94 19.60
CA TYR A 183 0.61 32.11 18.22
C TYR A 183 1.73 32.69 17.36
N ILE A 184 2.16 31.92 16.38
CA ILE A 184 3.23 32.37 15.50
C ILE A 184 2.68 32.89 14.18
N TYR A 185 2.94 34.15 13.95
CA TYR A 185 2.51 34.81 12.74
C TYR A 185 3.59 34.60 11.66
N ALA A 186 3.29 33.70 10.71
CA ALA A 186 4.22 33.41 9.60
C ALA A 186 3.54 32.92 8.30
N PRO A 187 2.49 33.60 7.83
CA PRO A 187 1.87 33.06 6.60
C PRO A 187 2.78 33.26 5.36
N LYS A 188 3.07 32.16 4.65
CA LYS A 188 3.94 32.17 3.48
C LYS A 188 3.55 33.17 2.39
N ASP A 189 2.25 33.38 2.23
CA ASP A 189 1.78 34.29 1.18
C ASP A 189 1.36 35.67 1.62
N ASP A 190 1.67 36.03 2.88
CA ASP A 190 1.70 37.48 3.25
C ASP A 190 2.97 38.08 2.64
N PRO A 191 2.83 38.93 1.61
CA PRO A 191 4.00 39.49 0.93
C PRO A 191 5.06 39.99 1.90
N TYR A 192 4.64 40.77 2.91
CA TYR A 192 5.52 41.45 3.85
C TYR A 192 6.20 40.53 4.85
N HIS A 193 5.86 39.25 4.76
CA HIS A 193 6.50 38.23 5.58
C HIS A 193 7.71 37.59 4.91
N ARG A 194 7.73 37.58 3.57
CA ARG A 194 8.68 36.76 2.80
C ARG A 194 9.03 37.33 1.41
N GLU A 195 8.04 37.39 0.51
CA GLU A 195 8.22 37.99 -0.81
C GLU A 195 8.80 39.40 -0.73
N LYS A 196 8.28 40.21 0.19
CA LYS A 196 8.71 41.61 0.32
C LYS A 196 9.13 41.90 1.77
N TRP A 197 9.95 41.00 2.32
CA TRP A 197 10.25 40.97 3.75
C TRP A 197 10.86 42.27 4.28
N ARG A 198 11.56 43.01 3.41
CA ARG A 198 12.18 44.29 3.81
C ARG A 198 11.15 45.40 4.03
N GLU A 199 10.00 45.28 3.36
CA GLU A 199 9.06 46.37 3.25
C GLU A 199 8.17 46.50 4.47
N PRO A 200 8.00 47.74 4.97
CA PRO A 200 7.09 47.97 6.09
C PRO A 200 5.64 47.65 5.75
N TYR A 201 4.94 47.10 6.74
CA TYR A 201 3.50 46.98 6.69
C TYR A 201 2.85 48.35 6.52
N PRO A 202 1.84 48.46 5.63
CA PRO A 202 1.06 49.70 5.56
C PRO A 202 0.25 49.91 6.85
N GLU A 203 -0.19 51.15 7.06
CA GLU A 203 -0.83 51.59 8.30
C GLU A 203 -2.00 50.72 8.74
N SER A 204 -2.95 50.46 7.84
CA SER A 204 -4.12 49.66 8.18
C SER A 204 -3.77 48.22 8.58
N GLU A 205 -2.74 47.65 7.95
CA GLU A 205 -2.21 46.37 8.41
C GLU A 205 -1.68 46.46 9.84
N MET A 206 -0.95 47.54 10.14
CA MET A 206 -0.40 47.75 11.47
C MET A 206 -1.50 47.84 12.54
N GLN A 207 -2.60 48.51 12.21
CA GLN A 207 -3.74 48.63 13.13
C GLN A 207 -4.36 47.27 13.40
N ARG A 208 -4.42 46.43 12.37
CA ARG A 208 -4.87 45.06 12.51
C ARG A 208 -3.90 44.26 13.39
N MET A 209 -2.60 44.48 13.19
CA MET A 209 -1.55 43.89 14.05
C MET A 209 -1.68 44.31 15.53
N GLN A 210 -1.93 45.59 15.77
CA GLN A 210 -2.20 46.06 17.13
C GLN A 210 -3.35 45.28 17.79
N GLU A 211 -4.47 45.13 17.09
CA GLU A 211 -5.61 44.32 17.56
C GLU A 211 -5.22 42.88 17.85
N LEU A 212 -4.38 42.30 16.99
CA LEU A 212 -3.95 40.92 17.19
C LEU A 212 -3.11 40.79 18.46
N ILE A 213 -2.25 41.79 18.64
CA ILE A 213 -1.35 41.85 19.76
C ILE A 213 -2.12 42.05 21.06
N ASN A 214 -3.09 42.97 21.04
CA ASN A 214 -3.91 43.22 22.22
C ASN A 214 -4.72 41.99 22.59
N ALA A 215 -5.33 41.33 21.61
CA ALA A 215 -6.11 40.13 21.87
C ALA A 215 -5.27 39.01 22.46
N SER A 216 -4.05 38.84 21.94
CA SER A 216 -3.12 37.82 22.44
C SER A 216 -2.80 38.02 23.92
N ALA A 217 -2.54 39.27 24.30
CA ALA A 217 -2.23 39.62 25.69
C ALA A 217 -3.40 39.30 26.60
N GLU A 218 -4.62 39.61 26.17
CA GLU A 218 -5.81 39.37 26.99
C GLU A 218 -6.06 37.87 27.17
N ASN A 219 -5.56 37.04 26.25
CA ASN A 219 -5.78 35.60 26.34
C ASN A 219 -4.54 34.79 26.72
N LYS A 220 -3.56 35.47 27.31
CA LYS A 220 -2.29 34.88 27.77
C LYS A 220 -1.51 34.15 26.65
N VAL A 221 -1.69 34.61 25.42
CA VAL A 221 -1.04 34.03 24.24
C VAL A 221 0.15 34.90 23.86
N ASP A 222 1.30 34.26 23.68
CA ASP A 222 2.48 34.91 23.11
C ASP A 222 2.35 35.08 21.61
N PHE A 223 2.19 36.33 21.19
CA PHE A 223 2.20 36.63 19.77
C PHE A 223 3.64 36.67 19.30
N VAL A 224 3.96 35.79 18.35
CA VAL A 224 5.31 35.65 17.84
C VAL A 224 5.40 36.15 16.38
N PHE A 225 6.20 37.18 16.13
CA PHE A 225 6.30 37.75 14.79
C PHE A 225 7.40 37.06 13.97
N GLY A 226 6.99 36.31 12.94
CA GLY A 226 7.94 35.64 12.05
C GLY A 226 8.38 36.46 10.87
N ILE A 227 9.63 36.31 10.48
CA ILE A 227 10.17 36.90 9.26
C ILE A 227 10.98 35.82 8.50
N SER A 228 10.82 35.80 7.18
CA SER A 228 11.45 34.77 6.32
C SER A 228 12.27 35.48 5.21
N PRO A 229 13.52 35.86 5.51
CA PRO A 229 14.25 36.71 4.57
C PRO A 229 15.09 35.96 3.53
N GLY A 230 15.00 34.62 3.56
CA GLY A 230 16.01 33.73 3.00
C GLY A 230 16.16 33.68 1.49
N ILE A 231 15.10 34.04 0.77
CA ILE A 231 15.13 33.93 -0.68
C ILE A 231 16.22 34.84 -1.26
N ASP A 232 16.41 36.02 -0.67
CA ASP A 232 17.22 37.05 -1.32
C ASP A 232 18.01 37.96 -0.37
N ILE A 233 18.00 37.64 0.91
CA ILE A 233 18.83 38.40 1.85
C ILE A 233 20.30 38.36 1.40
N ARG A 234 20.99 39.47 1.61
CA ARG A 234 22.41 39.55 1.31
C ARG A 234 23.18 39.55 2.63
N PHE A 235 24.38 39.00 2.62
CA PHE A 235 25.13 38.80 3.86
C PHE A 235 26.42 39.59 3.92
N ASP A 236 27.05 39.83 2.77
CA ASP A 236 28.42 40.36 2.69
C ASP A 236 28.44 41.87 2.54
N GLY A 237 29.49 42.50 3.07
CA GLY A 237 29.73 43.93 2.92
C GLY A 237 28.58 44.85 3.30
N ASP A 238 28.48 45.97 2.58
CA ASP A 238 27.43 46.97 2.79
C ASP A 238 26.01 46.46 2.55
N ALA A 239 25.85 45.65 1.50
CA ALA A 239 24.56 45.01 1.19
C ALA A 239 24.02 44.23 2.39
N GLY A 240 24.91 43.47 3.01
CA GLY A 240 24.61 42.72 4.24
C GLY A 240 24.26 43.56 5.45
N GLU A 241 24.90 44.73 5.57
CA GLU A 241 24.51 45.71 6.59
C GLU A 241 23.09 46.20 6.35
N GLU A 242 22.85 46.70 5.14
CA GLU A 242 21.56 47.23 4.73
C GLU A 242 20.45 46.24 5.04
N ASP A 243 20.68 44.98 4.68
CA ASP A 243 19.70 43.91 4.87
C ASP A 243 19.55 43.48 6.33
N PHE A 244 20.63 43.51 7.09
CA PHE A 244 20.49 43.22 8.52
C PHE A 244 19.66 44.28 9.22
N ASN A 245 19.96 45.55 8.96
CA ASN A 245 19.15 46.66 9.46
C ASN A 245 17.68 46.54 9.09
N HIS A 246 17.41 46.09 7.86
CA HIS A 246 16.03 45.79 7.42
C HIS A 246 15.31 44.86 8.38
N LEU A 247 16.01 43.82 8.87
CA LEU A 247 15.44 42.91 9.87
C LEU A 247 15.13 43.66 11.17
N ILE A 248 16.08 44.48 11.59
CA ILE A 248 15.94 45.27 12.80
C ILE A 248 14.74 46.24 12.68
N THR A 249 14.73 47.03 11.60
CA THR A 249 13.63 47.96 11.33
C THR A 249 12.27 47.25 11.42
N LYS A 250 12.19 46.08 10.80
CA LYS A 250 10.95 45.32 10.72
C LYS A 250 10.50 44.82 12.10
N ALA A 251 11.47 44.36 12.89
CA ALA A 251 11.19 43.87 14.23
C ALA A 251 10.80 45.01 15.17
N GLU A 252 11.61 46.06 15.20
CA GLU A 252 11.34 47.27 15.97
C GLU A 252 9.89 47.71 15.80
N SER A 253 9.44 47.79 14.53
CA SER A 253 8.07 48.23 14.24
C SER A 253 7.05 47.38 14.99
N LEU A 254 7.32 46.08 15.12
CA LEU A 254 6.40 45.19 15.84
C LEU A 254 6.60 45.17 17.36
N TYR A 255 7.87 45.32 17.78
CA TYR A 255 8.20 45.51 19.17
C TYR A 255 7.51 46.77 19.71
N ASP A 256 7.57 47.86 18.93
CA ASP A 256 6.99 49.14 19.30
C ASP A 256 5.46 49.06 19.53
N MET A 257 4.84 47.95 19.11
CA MET A 257 3.42 47.73 19.35
C MET A 257 3.13 46.70 20.44
N GLY A 258 4.19 46.13 21.02
CA GLY A 258 4.04 45.22 22.16
C GLY A 258 4.43 43.78 21.91
N VAL A 259 4.96 43.48 20.72
CA VAL A 259 5.46 42.13 20.43
C VAL A 259 6.75 41.89 21.17
N ARG A 260 6.79 40.77 21.90
CA ARG A 260 7.99 40.37 22.64
C ARG A 260 8.59 38.98 22.30
N SER A 261 8.03 38.31 21.30
CA SER A 261 8.64 37.10 20.71
C SER A 261 8.78 37.27 19.21
N PHE A 262 9.83 36.68 18.64
CA PHE A 262 10.16 36.86 17.21
C PHE A 262 10.71 35.57 16.62
N ALA A 263 10.49 35.38 15.31
CA ALA A 263 11.04 34.21 14.61
C ALA A 263 11.72 34.60 13.30
N ILE A 264 12.79 33.91 12.97
CA ILE A 264 13.45 34.14 11.70
C ILE A 264 13.63 32.80 11.08
N TYR A 265 13.01 32.61 9.91
CA TYR A 265 12.88 31.29 9.29
C TYR A 265 13.73 31.18 8.03
N TRP A 266 14.40 30.04 7.88
CA TRP A 266 15.30 29.81 6.74
C TRP A 266 14.87 28.62 5.86
N ASP A 267 13.60 28.23 5.96
CA ASP A 267 13.05 27.05 5.29
C ASP A 267 12.68 27.32 3.84
N ASP A 268 12.65 26.23 3.06
CA ASP A 268 12.21 26.26 1.66
C ASP A 268 12.99 27.20 0.74
N ILE A 269 14.29 27.37 0.98
CA ILE A 269 15.17 28.18 0.12
C ILE A 269 16.30 27.37 -0.51
N GLN A 270 16.88 27.89 -1.57
CA GLN A 270 17.99 27.25 -2.23
C GLN A 270 19.37 27.54 -1.60
N ASP A 271 19.49 28.67 -0.91
CA ASP A 271 20.76 29.05 -0.27
C ASP A 271 21.03 28.24 1.00
N LYS A 272 22.02 27.36 0.96
CA LYS A 272 22.37 26.60 2.15
C LYS A 272 23.68 27.13 2.72
N SER A 273 23.60 28.36 3.24
CA SER A 273 24.75 29.02 3.84
C SER A 273 24.60 28.98 5.36
N ALA A 274 24.91 27.82 5.94
CA ALA A 274 24.68 27.59 7.36
C ALA A 274 25.34 28.63 8.27
N ALA A 275 26.60 28.99 7.98
CA ALA A 275 27.33 29.96 8.80
C ALA A 275 26.68 31.34 8.75
N LYS A 276 26.27 31.75 7.57
CA LYS A 276 25.64 33.05 7.36
C LYS A 276 24.29 33.15 8.02
N HIS A 277 23.47 32.10 7.89
CA HIS A 277 22.18 32.05 8.55
C HIS A 277 22.33 32.23 10.05
N ALA A 278 23.24 31.44 10.64
CA ALA A 278 23.39 31.41 12.10
C ALA A 278 24.04 32.69 12.61
N GLN A 279 24.95 33.25 11.81
CA GLN A 279 25.49 34.56 12.10
C GLN A 279 24.39 35.63 12.13
N VAL A 280 23.40 35.52 11.25
CA VAL A 280 22.33 36.50 11.24
C VAL A 280 21.50 36.33 12.52
N LEU A 281 21.15 35.09 12.82
CA LEU A 281 20.47 34.76 14.09
C LEU A 281 21.20 35.29 15.34
N ASN A 282 22.52 35.04 15.41
CA ASN A 282 23.32 35.46 16.57
C ASN A 282 23.40 36.98 16.69
N ARG A 283 23.51 37.66 15.54
CA ARG A 283 23.57 39.12 15.50
C ARG A 283 22.27 39.74 16.01
N PHE A 284 21.14 39.16 15.59
CA PHE A 284 19.82 39.60 16.04
C PHE A 284 19.58 39.31 17.52
N ASN A 285 20.02 38.15 17.98
CA ASN A 285 19.94 37.74 19.37
C ASN A 285 20.67 38.74 20.27
N GLU A 286 21.80 39.22 19.77
CA GLU A 286 22.61 40.16 20.52
C GLU A 286 22.10 41.60 20.43
N GLU A 287 21.89 42.08 19.21
CA GLU A 287 21.55 43.50 18.98
C GLU A 287 20.08 43.82 19.21
N PHE A 288 19.22 42.79 19.24
CA PHE A 288 17.80 42.99 19.49
C PHE A 288 17.33 42.28 20.76
N VAL A 289 17.28 40.96 20.74
CA VAL A 289 16.76 40.19 21.89
C VAL A 289 17.35 40.62 23.26
N LYS A 290 18.67 40.54 23.39
CA LYS A 290 19.34 40.89 24.67
C LYS A 290 19.35 42.40 24.97
N ALA A 291 19.59 43.20 23.95
CA ALA A 291 19.55 44.66 24.06
C ALA A 291 18.21 45.20 24.59
N LYS A 292 17.14 44.46 24.36
CA LYS A 292 15.81 44.83 24.83
C LYS A 292 15.49 44.34 26.25
N GLY A 293 16.09 43.23 26.67
CA GLY A 293 15.88 42.66 28.00
C GLY A 293 14.56 41.95 28.29
N ASP A 294 13.50 42.28 27.54
CA ASP A 294 12.15 41.72 27.79
C ASP A 294 11.58 40.95 26.58
N VAL A 295 12.47 40.53 25.69
CA VAL A 295 12.12 39.72 24.54
C VAL A 295 12.43 38.24 24.82
N LYS A 296 11.43 37.39 24.60
CA LYS A 296 11.55 35.96 24.80
C LYS A 296 12.61 35.35 23.84
N PRO A 297 13.06 34.10 24.11
CA PRO A 297 14.07 33.54 23.20
C PRO A 297 13.68 33.57 21.70
N LEU A 298 14.68 33.79 20.85
CA LEU A 298 14.51 33.86 19.42
C LEU A 298 14.23 32.46 18.84
N ILE A 299 13.30 32.42 17.89
CA ILE A 299 12.89 31.17 17.29
C ILE A 299 13.35 31.11 15.85
N THR A 300 13.84 29.94 15.44
CA THR A 300 14.29 29.73 14.08
C THR A 300 13.93 28.34 13.51
N VAL A 301 13.93 28.26 12.18
CA VAL A 301 13.89 27.02 11.42
C VAL A 301 15.11 27.01 10.47
N PRO A 302 15.96 25.98 10.57
CA PRO A 302 17.11 25.91 9.63
C PRO A 302 16.66 25.39 8.27
N THR A 303 17.43 25.68 7.22
CA THR A 303 17.08 25.19 5.88
C THR A 303 16.93 23.67 5.85
N GLU A 304 17.77 22.94 6.61
CA GLU A 304 17.50 21.55 6.93
C GLU A 304 16.68 21.50 8.22
N TYR A 305 15.46 20.99 8.16
CA TYR A 305 14.56 21.03 9.32
C TYR A 305 13.78 19.74 9.57
N ASP A 306 14.02 18.71 8.76
CA ASP A 306 13.46 17.39 9.08
C ASP A 306 14.63 16.43 9.15
N THR A 307 14.51 15.40 9.99
CA THR A 307 15.63 14.46 10.17
C THR A 307 16.26 13.93 8.84
N GLY A 308 15.44 13.55 7.88
CA GLY A 308 15.98 13.10 6.58
C GLY A 308 16.94 14.11 5.95
N ALA A 309 16.56 15.40 5.99
CA ALA A 309 17.40 16.49 5.49
C ALA A 309 18.58 16.87 6.42
N MET A 310 18.46 16.56 7.71
CA MET A 310 19.45 17.00 8.73
C MET A 310 20.56 15.98 9.01
N VAL A 311 20.27 14.71 8.78
CA VAL A 311 21.06 13.62 9.32
C VAL A 311 21.46 12.63 8.24
N SER A 312 22.69 12.12 8.32
CA SER A 312 23.10 11.04 7.46
C SER A 312 23.77 9.98 8.35
N ASN A 313 23.13 8.81 8.39
CA ASN A 313 23.36 7.74 9.38
C ASN A 313 23.95 8.17 10.74
N GLY A 314 23.07 8.71 11.58
CA GLY A 314 23.41 9.06 12.95
C GLY A 314 24.07 10.39 13.16
N GLN A 315 24.62 10.98 12.10
CA GLN A 315 25.42 12.22 12.20
C GLN A 315 24.82 13.41 11.44
N PRO A 316 25.09 14.66 11.90
CA PRO A 316 24.54 15.81 11.18
C PRO A 316 25.17 15.93 9.77
N ARG A 317 24.38 16.42 8.83
CA ARG A 317 24.90 16.74 7.49
C ARG A 317 25.71 18.06 7.56
N ALA A 318 26.34 18.44 6.45
CA ALA A 318 27.26 19.61 6.43
C ALA A 318 26.63 20.91 6.97
N TYR A 319 25.46 21.28 6.41
CA TYR A 319 24.70 22.47 6.84
C TYR A 319 24.29 22.40 8.31
N THR A 320 23.61 21.33 8.71
CA THR A 320 23.22 21.12 10.11
C THR A 320 24.38 21.12 11.06
N ARG A 321 25.46 20.40 10.74
CA ARG A 321 26.64 20.47 11.58
C ARG A 321 27.04 21.93 11.89
N ILE A 322 27.21 22.74 10.84
CA ILE A 322 27.63 24.13 10.97
C ILE A 322 26.56 24.96 11.68
N PHE A 323 25.29 24.80 11.32
CA PHE A 323 24.21 25.51 12.01
C PHE A 323 24.29 25.22 13.50
N ALA A 324 24.26 23.94 13.86
CA ALA A 324 24.15 23.54 15.27
C ALA A 324 25.28 24.12 16.10
N GLU A 325 26.47 24.18 15.50
CA GLU A 325 27.61 24.60 16.26
C GLU A 325 27.87 26.12 16.19
N THR A 326 27.24 26.81 15.25
CA THR A 326 27.29 28.27 15.22
C THR A 326 26.19 28.96 16.03
N VAL A 327 24.99 28.37 16.07
CA VAL A 327 23.82 29.05 16.59
C VAL A 327 23.91 29.14 18.13
N ASP A 328 23.57 30.29 18.68
CA ASP A 328 23.62 30.54 20.12
C ASP A 328 22.70 29.62 20.89
N PRO A 329 23.18 29.03 22.00
CA PRO A 329 22.40 28.08 22.83
C PRO A 329 21.01 28.57 23.25
N SER A 330 20.83 29.89 23.38
CA SER A 330 19.53 30.48 23.79
C SER A 330 18.45 30.33 22.72
N ILE A 331 18.88 30.23 21.47
CA ILE A 331 17.98 30.20 20.32
C ILE A 331 17.13 28.90 20.26
N GLU A 332 15.81 29.06 20.15
CA GLU A 332 14.89 27.92 19.98
C GLU A 332 14.91 27.52 18.52
N VAL A 333 15.25 26.25 18.28
CA VAL A 333 15.31 25.71 16.91
C VAL A 333 14.17 24.74 16.68
N MET A 334 13.46 24.89 15.55
CA MET A 334 12.30 24.04 15.27
C MET A 334 12.69 23.01 14.25
N TRP A 335 12.12 21.82 14.39
CA TRP A 335 12.23 20.78 13.37
C TRP A 335 10.88 20.07 13.27
N THR A 336 10.64 19.35 12.18
CA THR A 336 9.28 18.85 11.89
C THR A 336 9.10 17.38 12.26
N GLY A 337 10.17 16.73 12.70
CA GLY A 337 10.17 15.27 12.81
C GLY A 337 11.04 14.58 11.78
N PRO A 338 10.90 13.25 11.66
CA PRO A 338 11.65 12.40 10.69
C PRO A 338 11.56 12.85 9.22
N GLY A 339 10.44 13.50 8.86
CA GLY A 339 10.20 14.04 7.53
C GLY A 339 9.40 15.33 7.67
N VAL A 340 9.21 16.01 6.55
CA VAL A 340 8.46 17.27 6.52
C VAL A 340 7.00 17.09 6.97
N VAL A 341 6.30 16.14 6.35
CA VAL A 341 4.96 15.66 6.73
C VAL A 341 5.12 14.16 6.91
N THR A 342 5.09 13.68 8.17
CA THR A 342 5.40 12.26 8.52
C THR A 342 4.39 11.64 9.49
N ASN A 343 4.35 10.32 9.52
CA ASN A 343 3.47 9.55 10.42
C ASN A 343 3.65 9.87 11.90
N GLU A 344 4.92 9.94 12.35
CA GLU A 344 5.27 9.89 13.77
C GLU A 344 6.47 10.75 14.09
N ILE A 345 6.60 11.12 15.35
CA ILE A 345 7.88 11.51 15.95
C ILE A 345 8.07 10.59 17.14
N PRO A 346 8.89 9.53 16.97
CA PRO A 346 9.29 8.68 18.07
C PRO A 346 10.29 9.39 18.95
N LEU A 347 10.37 8.95 20.21
CA LEU A 347 11.29 9.52 21.18
C LEU A 347 12.72 9.50 20.62
N SER A 348 13.15 8.35 20.06
CA SER A 348 14.45 8.23 19.39
C SER A 348 14.76 9.35 18.37
N ASP A 349 13.77 9.78 17.59
CA ASP A 349 13.99 10.94 16.70
C ASP A 349 14.29 12.24 17.45
N ALA A 350 13.56 12.50 18.52
CA ALA A 350 13.72 13.74 19.27
C ALA A 350 15.03 13.72 20.03
N GLN A 351 15.39 12.55 20.52
CA GLN A 351 16.66 12.32 21.18
C GLN A 351 17.81 12.64 20.20
N LEU A 352 17.69 12.15 18.98
CA LEU A 352 18.74 12.33 17.99
C LEU A 352 18.93 13.81 17.67
N ILE A 353 17.83 14.52 17.41
CA ILE A 353 17.92 15.90 16.96
C ILE A 353 18.34 16.82 18.10
N SER A 354 17.72 16.62 19.27
CA SER A 354 18.08 17.31 20.52
C SER A 354 19.56 17.11 20.87
N GLY A 355 20.05 15.89 20.63
CA GLY A 355 21.49 15.60 20.78
C GLY A 355 22.35 16.51 19.91
N ILE A 356 21.97 16.62 18.63
CA ILE A 356 22.80 17.39 17.67
C ILE A 356 22.87 18.88 18.06
N TYR A 357 21.74 19.41 18.56
CA TYR A 357 21.64 20.82 18.90
C TYR A 357 21.97 21.08 20.34
N ASP A 358 22.21 20.00 21.09
CA ASP A 358 22.52 20.10 22.53
C ASP A 358 21.51 20.99 23.28
N ARG A 359 20.23 20.81 22.99
CA ARG A 359 19.15 21.43 23.77
C ARG A 359 17.78 20.83 23.50
N ASN A 360 16.80 21.33 24.26
CA ASN A 360 15.40 21.02 24.02
C ASN A 360 14.97 21.71 22.75
N MET A 361 14.25 20.95 21.93
CA MET A 361 13.85 21.39 20.61
C MET A 361 12.47 22.00 20.60
N ALA A 362 12.19 22.75 19.54
CA ALA A 362 10.84 23.17 19.21
C ALA A 362 10.33 22.28 18.07
N VAL A 363 9.04 21.92 18.12
CA VAL A 363 8.39 21.18 17.03
C VAL A 363 7.53 22.12 16.19
N TRP A 364 7.75 22.08 14.88
CA TRP A 364 6.78 22.61 13.94
C TRP A 364 6.10 21.36 13.32
N TRP A 365 4.85 21.13 13.69
CA TRP A 365 4.18 19.93 13.26
C TRP A 365 3.22 20.22 12.11
N ASN A 366 3.54 19.65 10.93
CA ASN A 366 2.76 19.88 9.69
C ASN A 366 1.48 19.02 9.60
N TYR A 367 0.57 19.26 10.53
CA TYR A 367 -0.77 18.66 10.54
C TYR A 367 -1.50 19.52 11.54
N PRO A 368 -2.72 20.02 11.21
CA PRO A 368 -3.57 19.63 10.08
C PRO A 368 -3.40 20.39 8.77
N VAL A 369 -2.30 21.12 8.55
CA VAL A 369 -2.13 21.81 7.27
C VAL A 369 -2.37 20.89 6.05
N THR A 370 -2.98 21.45 5.02
CA THR A 370 -3.36 20.70 3.84
C THR A 370 -2.93 21.46 2.57
N ASP A 371 -2.06 22.47 2.69
CA ASP A 371 -1.63 23.27 1.51
C ASP A 371 -1.05 22.46 0.34
N TYR A 372 -0.51 21.28 0.64
CA TYR A 372 0.15 20.42 -0.35
C TYR A 372 -0.87 19.40 -0.92
N PHE A 373 -2.08 19.38 -0.37
CA PHE A 373 -3.12 18.48 -0.86
C PHE A 373 -4.50 19.02 -0.48
N LYS A 374 -4.90 20.10 -1.16
CA LYS A 374 -5.95 21.00 -0.64
C LYS A 374 -7.37 20.49 -0.78
N GLY A 375 -7.56 19.46 -1.61
CA GLY A 375 -8.87 18.84 -1.79
C GLY A 375 -9.39 18.11 -0.55
N LYS A 376 -8.47 17.68 0.29
CA LYS A 376 -8.84 16.96 1.52
C LYS A 376 -8.71 17.84 2.78
N LEU A 377 -9.73 17.76 3.64
CA LEU A 377 -9.71 18.36 4.99
C LEU A 377 -9.09 17.42 6.02
N ALA A 378 -8.20 17.96 6.84
CA ALA A 378 -7.53 17.15 7.87
C ALA A 378 -8.23 17.34 9.22
N LEU A 379 -9.06 16.37 9.59
CA LEU A 379 -9.98 16.57 10.71
C LEU A 379 -9.73 15.59 11.83
N GLY A 380 -8.48 15.12 11.94
CA GLY A 380 -8.14 14.12 12.93
C GLY A 380 -7.33 14.65 14.09
N PRO A 381 -7.09 13.80 15.12
CA PRO A 381 -6.32 14.25 16.29
C PRO A 381 -4.80 14.26 16.03
N MET A 382 -4.06 14.86 16.95
CA MET A 382 -2.61 14.65 17.00
C MET A 382 -2.40 13.16 17.05
N HIS A 383 -1.61 12.65 16.11
CA HIS A 383 -1.42 11.22 15.99
C HIS A 383 0.05 10.92 15.63
N GLY A 384 0.63 9.97 16.34
CA GLY A 384 1.99 9.50 16.05
C GLY A 384 3.07 10.21 16.84
N LEU A 385 2.68 11.20 17.65
CA LEU A 385 3.67 11.95 18.45
C LEU A 385 3.91 11.27 19.81
N ASP A 386 5.17 10.92 20.07
CA ASP A 386 5.51 10.17 21.27
C ASP A 386 5.00 10.84 22.54
N LYS A 387 4.43 10.06 23.44
CA LYS A 387 3.84 10.62 24.67
C LYS A 387 4.88 10.98 25.73
N GLY A 388 6.14 10.67 25.44
CA GLY A 388 7.27 11.11 26.26
C GLY A 388 8.13 12.17 25.60
N LEU A 389 7.59 12.84 24.58
CA LEU A 389 8.38 13.79 23.77
C LEU A 389 8.94 14.99 24.55
N ASN A 390 8.28 15.33 25.65
CA ASN A 390 8.67 16.46 26.49
C ASN A 390 10.06 16.32 27.08
N GLN A 391 10.62 15.10 27.04
CA GLN A 391 11.99 14.90 27.54
C GLN A 391 13.00 15.70 26.71
N TYR A 392 12.70 15.91 25.42
CA TYR A 392 13.63 16.55 24.48
C TYR A 392 13.01 17.75 23.81
N VAL A 393 11.72 17.98 24.06
CA VAL A 393 10.95 19.06 23.42
C VAL A 393 10.27 19.92 24.47
N ASP A 394 10.42 21.23 24.35
CA ASP A 394 9.79 22.16 25.30
C ASP A 394 8.85 23.18 24.63
N PHE A 395 8.63 23.00 23.33
CA PHE A 395 8.00 24.00 22.47
C PHE A 395 7.25 23.24 21.37
N PHE A 396 5.92 23.32 21.40
CA PHE A 396 5.10 22.54 20.49
C PHE A 396 4.02 23.36 19.78
N THR A 397 4.15 23.45 18.46
CA THR A 397 3.17 24.16 17.64
C THR A 397 2.71 23.34 16.45
N VAL A 398 1.47 23.58 16.01
CA VAL A 398 0.96 22.95 14.79
C VAL A 398 0.76 23.97 13.68
N ASN A 399 1.05 23.57 12.46
CA ASN A 399 0.75 24.33 11.27
C ASN A 399 -0.65 23.88 10.80
N PRO A 400 -1.63 24.80 10.84
CA PRO A 400 -3.02 24.38 10.59
C PRO A 400 -3.42 24.55 9.10
N MET A 401 -4.70 24.34 8.78
CA MET A 401 -5.19 24.53 7.40
C MET A 401 -5.53 25.98 7.17
N GLU A 402 -5.55 26.40 5.89
CA GLU A 402 -6.10 27.70 5.53
C GLU A 402 -7.57 27.85 5.97
N HIS A 403 -8.21 26.72 6.28
CA HIS A 403 -9.59 26.66 6.77
C HIS A 403 -9.55 26.75 8.28
N ALA A 404 -9.73 27.96 8.81
CA ALA A 404 -9.55 28.23 10.25
C ALA A 404 -10.57 27.51 11.15
N GLU A 405 -11.81 27.44 10.72
CA GLU A 405 -12.86 26.92 11.61
C GLU A 405 -12.69 25.43 11.84
N LEU A 406 -12.47 24.68 10.76
CA LEU A 406 -12.33 23.23 10.86
C LEU A 406 -10.98 22.81 11.37
N SER A 407 -9.99 23.70 11.32
CA SER A 407 -8.70 23.44 12.00
C SER A 407 -8.86 23.23 13.52
N LYS A 408 -9.98 23.69 14.08
CA LYS A 408 -10.16 23.70 15.52
C LYS A 408 -10.24 22.29 16.06
N ILE A 409 -10.75 21.35 15.27
CA ILE A 409 -10.92 19.99 15.77
C ILE A 409 -9.51 19.47 16.15
N SER A 410 -8.60 19.50 15.19
CA SER A 410 -7.24 19.03 15.42
C SER A 410 -6.44 19.87 16.43
N ILE A 411 -6.63 21.19 16.38
CA ILE A 411 -6.00 22.09 17.36
C ILE A 411 -6.45 21.75 18.77
N HIS A 412 -7.75 21.55 18.96
CA HIS A 412 -8.32 21.13 20.23
C HIS A 412 -7.55 19.92 20.83
N THR A 413 -7.21 18.95 19.97
CA THR A 413 -6.49 17.78 20.44
C THR A 413 -5.01 18.08 20.75
N ALA A 414 -4.40 18.99 19.99
CA ALA A 414 -3.05 19.49 20.26
C ALA A 414 -2.94 20.15 21.62
N ALA A 415 -4.01 20.84 22.01
CA ALA A 415 -4.10 21.48 23.33
C ALA A 415 -4.00 20.45 24.45
N ASP A 416 -4.69 19.31 24.29
CA ASP A 416 -4.67 18.24 25.28
C ASP A 416 -3.35 17.47 25.30
N TYR A 417 -2.87 17.13 24.10
CA TYR A 417 -1.61 16.44 23.98
C TYR A 417 -0.49 17.22 24.68
N SER A 418 -0.40 18.51 24.37
CA SER A 418 0.74 19.29 24.82
C SER A 418 0.65 19.70 26.28
N TRP A 419 -0.57 19.81 26.82
CA TRP A 419 -0.79 20.18 28.22
C TRP A 419 -0.75 18.93 29.11
N ASN A 420 -1.35 17.85 28.65
CA ASN A 420 -1.35 16.61 29.42
C ASN A 420 -0.88 15.42 28.57
N MET A 421 0.42 15.39 28.32
CA MET A 421 1.00 14.49 27.35
C MET A 421 0.89 13.03 27.74
N ASP A 422 1.15 12.76 29.00
CA ASP A 422 1.21 11.39 29.46
C ASP A 422 -0.13 10.68 29.34
N ASN A 423 -1.22 11.41 29.55
CA ASN A 423 -2.52 10.77 29.55
C ASN A 423 -3.26 10.94 28.22
N TYR A 424 -2.61 11.59 27.26
CA TYR A 424 -3.16 11.81 25.93
C TYR A 424 -3.61 10.51 25.26
N ASP A 425 -4.90 10.45 24.92
CA ASP A 425 -5.50 9.32 24.22
C ASP A 425 -6.13 9.91 22.96
N TYR A 426 -5.60 9.58 21.78
CA TYR A 426 -6.02 10.33 20.58
C TYR A 426 -7.48 10.14 20.22
N ASP A 427 -8.02 8.93 20.41
CA ASP A 427 -9.41 8.64 20.08
C ASP A 427 -10.34 9.44 20.99
N LYS A 428 -10.06 9.38 22.29
CA LYS A 428 -10.84 10.13 23.28
C LYS A 428 -10.76 11.64 23.09
N ALA A 429 -9.54 12.17 22.93
CA ALA A 429 -9.34 13.58 22.60
C ALA A 429 -10.10 14.01 21.35
N TRP A 430 -10.10 13.15 20.35
CA TRP A 430 -10.77 13.48 19.08
C TRP A 430 -12.27 13.56 19.30
N ASN A 431 -12.81 12.58 20.03
CA ASN A 431 -14.22 12.53 20.35
C ASN A 431 -14.65 13.74 21.17
N ARG A 432 -13.86 14.05 22.19
CA ARG A 432 -14.07 15.22 23.04
C ARG A 432 -14.07 16.50 22.20
N ALA A 433 -13.12 16.62 21.28
CA ALA A 433 -13.00 17.81 20.42
C ALA A 433 -14.31 18.08 19.72
N ILE A 434 -14.83 17.05 19.07
CA ILE A 434 -16.06 17.14 18.31
C ILE A 434 -17.29 17.34 19.21
N ASP A 435 -17.35 16.61 20.34
CA ASP A 435 -18.41 16.83 21.31
C ASP A 435 -18.41 18.29 21.76
N MET A 436 -17.22 18.80 22.11
CA MET A 436 -17.12 20.14 22.68
C MET A 436 -17.36 21.25 21.64
N LEU A 437 -16.98 20.99 20.39
CA LEU A 437 -17.09 22.02 19.35
C LEU A 437 -18.42 22.09 18.63
N TYR A 438 -19.11 20.95 18.47
CA TYR A 438 -20.28 20.85 17.56
C TYR A 438 -21.62 20.63 18.27
N GLY A 439 -21.58 20.33 19.56
CA GLY A 439 -22.79 20.25 20.38
C GLY A 439 -23.82 19.24 19.89
N ASP A 440 -24.99 19.74 19.50
CA ASP A 440 -26.06 18.95 18.89
C ASP A 440 -25.68 18.21 17.61
N LEU A 441 -24.73 18.74 16.86
CA LEU A 441 -24.33 18.09 15.57
C LEU A 441 -23.14 17.16 15.68
N ALA A 442 -22.62 17.01 16.90
CA ALA A 442 -21.41 16.22 17.14
C ALA A 442 -21.46 14.79 16.59
N GLU A 443 -22.59 14.09 16.78
CA GLU A 443 -22.66 12.70 16.32
C GLU A 443 -22.60 12.61 14.80
N ASP A 444 -23.41 13.41 14.10
CA ASP A 444 -23.28 13.55 12.65
C ASP A 444 -21.88 14.01 12.19
N MET A 445 -21.28 14.94 12.93
CA MET A 445 -19.98 15.47 12.53
C MET A 445 -18.91 14.37 12.67
N LYS A 446 -18.99 13.60 13.73
CA LYS A 446 -18.14 12.42 13.92
C LYS A 446 -18.19 11.46 12.73
N VAL A 447 -19.39 11.17 12.22
CA VAL A 447 -19.54 10.25 11.09
C VAL A 447 -18.69 10.74 9.91
N PHE A 448 -18.79 12.03 9.63
CA PHE A 448 -18.19 12.63 8.46
C PHE A 448 -16.68 12.82 8.65
N ALA A 449 -16.31 13.48 9.75
CA ALA A 449 -14.91 13.73 10.08
C ALA A 449 -14.06 12.43 10.21
N ASN A 450 -14.68 11.34 10.68
CA ASN A 450 -14.05 10.01 10.82
C ASN A 450 -13.42 9.53 9.50
N HIS A 451 -14.02 9.99 8.41
CA HIS A 451 -13.60 9.68 7.06
C HIS A 451 -12.53 10.62 6.52
N SER A 452 -12.10 11.60 7.35
CA SER A 452 -11.20 12.67 6.86
C SER A 452 -10.09 12.99 7.85
N THR A 453 -9.39 11.94 8.31
CA THR A 453 -8.27 12.10 9.21
C THR A 453 -6.88 11.91 8.58
N ARG A 454 -6.79 11.05 7.56
CA ARG A 454 -5.52 10.62 7.02
C ARG A 454 -5.12 11.53 5.87
N MET A 455 -3.94 12.17 5.98
CA MET A 455 -3.41 12.96 4.87
C MET A 455 -2.38 12.16 4.10
N ASP A 456 -2.40 12.27 2.78
CA ASP A 456 -1.52 11.46 1.93
C ASP A 456 -1.57 12.02 0.51
N ASN A 457 -0.48 12.67 0.04
CA ASN A 457 -0.45 13.20 -1.33
C ASN A 457 0.05 12.13 -2.31
N LYS A 458 0.19 10.90 -1.83
CA LYS A 458 0.52 9.73 -2.67
C LYS A 458 2.01 9.65 -3.00
N THR A 459 2.78 10.63 -2.51
CA THR A 459 4.23 10.63 -2.66
C THR A 459 4.93 10.89 -1.33
N TRP A 460 5.43 12.11 -1.11
CA TRP A 460 6.34 12.42 0.00
C TRP A 460 5.61 12.83 1.29
N ALA A 461 4.35 13.22 1.21
CA ALA A 461 3.63 13.76 2.38
C ALA A 461 2.57 12.79 2.88
N LYS A 462 2.72 12.32 4.12
CA LYS A 462 1.69 11.47 4.72
C LYS A 462 1.68 11.61 6.23
N SER A 463 0.48 11.75 6.80
CA SER A 463 0.33 11.87 8.25
C SER A 463 -1.14 11.74 8.69
N GLY A 464 -1.33 11.20 9.87
CA GLY A 464 -2.62 11.29 10.53
C GLY A 464 -3.14 9.91 10.79
N ARG A 465 -4.17 9.82 11.64
CA ARG A 465 -4.86 8.56 11.89
C ARG A 465 -5.48 8.09 10.58
N GLU A 466 -5.45 6.78 10.34
CA GLU A 466 -6.21 6.19 9.23
C GLU A 466 -7.69 6.64 9.20
N ASP A 467 -8.26 6.82 8.02
CA ASP A 467 -9.70 7.14 7.91
C ASP A 467 -10.53 5.95 8.40
N ALA A 468 -11.70 6.25 8.99
CA ALA A 468 -12.68 5.22 9.42
C ALA A 468 -12.15 3.78 9.63
N PRO A 469 -11.30 3.56 10.65
CA PRO A 469 -10.61 2.24 10.80
C PRO A 469 -11.54 1.02 11.00
N GLU A 470 -12.63 1.23 11.73
CA GLU A 470 -13.56 0.15 12.08
C GLU A 470 -14.39 -0.29 10.86
N LEU A 471 -14.66 0.66 9.98
CA LEU A 471 -15.39 0.38 8.76
C LEU A 471 -14.47 -0.37 7.79
N ARG A 472 -13.23 0.10 7.69
CA ARG A 472 -12.18 -0.58 6.94
C ARG A 472 -12.03 -2.04 7.36
N ALA A 473 -11.97 -2.34 8.66
CA ALA A 473 -11.88 -3.75 9.10
C ALA A 473 -13.12 -4.56 8.70
N LYS A 474 -14.27 -3.92 8.74
CA LYS A 474 -15.53 -4.57 8.35
C LYS A 474 -15.56 -4.90 6.87
N MET A 475 -15.09 -3.95 6.09
CA MET A 475 -14.89 -4.15 4.66
C MET A 475 -13.98 -5.34 4.40
N ASP A 476 -12.82 -5.36 5.08
CA ASP A 476 -11.86 -6.46 5.04
C ASP A 476 -12.46 -7.80 5.37
N GLU A 477 -13.20 -7.85 6.46
CA GLU A 477 -13.92 -9.07 6.85
C GLU A 477 -14.94 -9.51 5.78
N LEU A 478 -15.54 -8.55 5.07
CA LEU A 478 -16.47 -8.90 4.00
C LEU A 478 -15.76 -9.69 2.89
N TRP A 479 -14.64 -9.17 2.43
CA TRP A 479 -13.87 -9.82 1.37
C TRP A 479 -13.29 -11.20 1.78
N ASN A 480 -12.88 -11.30 3.05
CA ASN A 480 -12.39 -12.59 3.57
C ASN A 480 -13.50 -13.65 3.54
N LYS A 481 -14.73 -13.25 3.82
CA LYS A 481 -15.84 -14.20 3.81
C LYS A 481 -16.27 -14.55 2.36
N LEU A 482 -16.44 -13.52 1.54
CA LEU A 482 -16.83 -13.77 0.14
C LEU A 482 -15.79 -14.63 -0.63
N SER A 483 -14.49 -14.35 -0.45
CA SER A 483 -13.47 -15.16 -1.14
C SER A 483 -13.28 -16.56 -0.56
N SER A 484 -13.85 -16.83 0.62
CA SER A 484 -13.84 -18.19 1.19
C SER A 484 -15.17 -18.87 0.89
N LYS A 485 -15.97 -18.21 0.06
CA LYS A 485 -17.34 -18.62 -0.26
C LYS A 485 -18.19 -18.95 0.99
N GLU A 486 -18.07 -18.08 1.99
CA GLU A 486 -18.87 -18.20 3.21
C GLU A 486 -20.02 -17.20 3.22
N ASP A 487 -21.06 -17.59 3.96
CA ASP A 487 -22.24 -16.75 4.16
C ASP A 487 -21.85 -15.40 4.78
N ALA A 488 -22.16 -14.30 4.09
CA ALA A 488 -21.84 -12.96 4.61
C ALA A 488 -23.06 -12.08 4.78
N SER A 489 -24.24 -12.69 4.73
CA SER A 489 -25.49 -11.92 4.68
C SER A 489 -25.66 -10.88 5.81
N ALA A 490 -25.27 -11.25 7.04
CA ALA A 490 -25.38 -10.35 8.20
C ALA A 490 -24.45 -9.13 8.13
N LEU A 491 -23.22 -9.36 7.70
CA LEU A 491 -22.24 -8.28 7.51
C LEU A 491 -22.63 -7.38 6.34
N ILE A 492 -23.08 -8.00 5.24
CA ILE A 492 -23.60 -7.27 4.08
C ILE A 492 -24.64 -6.29 4.59
N GLU A 493 -25.56 -6.80 5.39
CA GLU A 493 -26.65 -6.03 5.97
C GLU A 493 -26.12 -4.90 6.86
N GLU A 494 -25.11 -5.20 7.67
CA GLU A 494 -24.53 -4.23 8.60
C GLU A 494 -23.89 -3.05 7.88
N LEU A 495 -23.24 -3.36 6.76
CA LEU A 495 -22.61 -2.37 5.92
C LEU A 495 -23.60 -1.53 5.11
N TYR A 496 -24.73 -2.11 4.73
CA TYR A 496 -25.82 -1.27 4.20
C TYR A 496 -26.20 -0.17 5.21
N GLY A 497 -26.31 -0.55 6.49
CA GLY A 497 -26.55 0.39 7.59
C GLY A 497 -25.49 1.48 7.69
N GLU A 498 -24.22 1.12 7.55
CA GLU A 498 -23.12 2.10 7.66
C GLU A 498 -23.11 3.12 6.53
N PHE A 499 -23.33 2.65 5.32
CA PHE A 499 -23.33 3.53 4.15
C PHE A 499 -24.54 4.47 4.17
N ALA A 500 -25.69 3.96 4.59
CA ALA A 500 -26.91 4.78 4.75
C ALA A 500 -26.68 5.89 5.76
N ARG A 501 -26.02 5.53 6.87
CA ARG A 501 -25.75 6.45 7.96
C ARG A 501 -24.72 7.52 7.58
N MET A 502 -23.76 7.17 6.73
CA MET A 502 -22.87 8.16 6.12
C MET A 502 -23.63 9.25 5.32
N GLU A 503 -24.55 8.81 4.46
CA GLU A 503 -25.36 9.75 3.66
C GLU A 503 -26.27 10.63 4.54
N GLU A 504 -26.92 10.01 5.53
CA GLU A 504 -27.77 10.72 6.46
C GLU A 504 -27.04 11.82 7.27
N ALA A 505 -25.95 11.45 7.91
CA ALA A 505 -25.12 12.39 8.65
C ALA A 505 -24.71 13.60 7.79
N CYS A 506 -24.25 13.34 6.57
CA CYS A 506 -23.81 14.39 5.68
C CYS A 506 -24.95 15.30 5.27
N ASN A 507 -26.11 14.71 5.01
CA ASN A 507 -27.28 15.50 4.71
C ASN A 507 -27.68 16.42 5.87
N ASN A 508 -27.67 15.90 7.10
CA ASN A 508 -27.97 16.72 8.26
C ASN A 508 -26.95 17.83 8.43
N LEU A 509 -25.68 17.51 8.21
CA LEU A 509 -24.62 18.52 8.29
C LEU A 509 -24.85 19.66 7.29
N LYS A 510 -25.21 19.31 6.06
CA LYS A 510 -25.52 20.31 5.05
C LYS A 510 -26.67 21.22 5.49
N ALA A 511 -27.71 20.64 6.10
CA ALA A 511 -28.88 21.40 6.49
C ALA A 511 -28.64 22.22 7.76
N ASN A 512 -27.73 21.77 8.62
CA ASN A 512 -27.66 22.37 9.93
C ASN A 512 -26.31 22.90 10.38
N LEU A 513 -25.22 22.65 9.66
CA LEU A 513 -23.95 23.27 10.07
C LEU A 513 -24.05 24.79 10.01
N PRO A 514 -23.48 25.48 11.02
CA PRO A 514 -23.37 26.93 10.85
C PRO A 514 -22.55 27.21 9.59
N GLU A 515 -22.86 28.34 8.93
CA GLU A 515 -22.24 28.67 7.65
C GLU A 515 -20.71 28.74 7.71
N VAL A 516 -20.16 29.30 8.78
CA VAL A 516 -18.71 29.41 8.90
C VAL A 516 -17.98 28.04 8.88
N ALA A 517 -18.67 26.97 9.26
CA ALA A 517 -18.07 25.63 9.11
C ALA A 517 -18.47 25.04 7.77
N LEU A 518 -19.74 25.22 7.40
CA LEU A 518 -20.29 24.68 6.16
C LEU A 518 -19.51 25.19 4.94
N GLU A 519 -19.16 26.47 4.93
CA GLU A 519 -18.43 27.03 3.79
C GLU A 519 -17.07 26.39 3.55
N GLU A 520 -16.48 25.77 4.59
CA GLU A 520 -15.20 25.09 4.44
C GLU A 520 -15.28 23.62 3.97
N CYS A 521 -16.42 22.96 4.16
CA CYS A 521 -16.51 21.53 3.86
C CYS A 521 -17.69 21.07 2.96
N SER A 522 -18.41 21.99 2.31
CA SER A 522 -19.57 21.58 1.53
C SER A 522 -19.20 20.59 0.40
N ARG A 523 -18.05 20.81 -0.23
CA ARG A 523 -17.67 19.94 -1.33
C ARG A 523 -17.32 18.54 -0.85
N GLN A 524 -16.67 18.47 0.31
CA GLN A 524 -16.28 17.19 0.90
C GLN A 524 -17.50 16.41 1.45
N LEU A 525 -18.51 17.14 1.92
CA LEU A 525 -19.77 16.56 2.33
C LEU A 525 -20.41 15.84 1.12
N ASP A 526 -20.50 16.57 0.01
CA ASP A 526 -21.04 16.01 -1.21
C ASP A 526 -20.23 14.84 -1.77
N GLU A 527 -18.91 14.85 -1.58
CA GLU A 527 -18.02 13.73 -1.94
C GLU A 527 -18.38 12.48 -1.15
N LEU A 528 -18.52 12.63 0.16
CA LEU A 528 -18.78 11.46 1.01
C LEU A 528 -20.17 10.86 0.70
N ILE A 529 -21.14 11.73 0.40
CA ILE A 529 -22.46 11.28 -0.02
C ILE A 529 -22.34 10.49 -1.31
N THR A 530 -21.70 11.07 -2.33
CA THR A 530 -21.42 10.36 -3.57
C THR A 530 -20.77 8.97 -3.32
N LEU A 531 -19.74 8.92 -2.49
CA LEU A 531 -19.10 7.64 -2.20
C LEU A 531 -19.98 6.65 -1.42
N ALA A 532 -20.81 7.15 -0.49
CA ALA A 532 -21.73 6.30 0.27
C ALA A 532 -22.71 5.61 -0.68
N GLN A 533 -23.22 6.39 -1.62
CA GLN A 533 -24.08 5.91 -2.68
C GLN A 533 -23.41 4.85 -3.58
N GLY A 534 -22.14 5.07 -3.94
CA GLY A 534 -21.31 4.08 -4.63
C GLY A 534 -21.01 2.85 -3.80
N ASP A 535 -20.81 3.06 -2.50
CA ASP A 535 -20.59 1.95 -1.60
C ASP A 535 -21.86 1.05 -1.57
N LYS A 536 -23.02 1.70 -1.51
CA LYS A 536 -24.29 1.01 -1.43
C LYS A 536 -24.51 0.24 -2.74
N ALA A 537 -24.39 0.91 -3.88
CA ALA A 537 -24.39 0.28 -5.19
C ALA A 537 -23.38 -0.89 -5.32
N SER A 538 -22.24 -0.77 -4.65
CA SER A 538 -21.23 -1.86 -4.61
C SER A 538 -21.75 -3.10 -3.91
N LEU A 539 -22.43 -2.90 -2.79
CA LEU A 539 -23.07 -4.04 -2.12
C LEU A 539 -24.13 -4.67 -3.03
N ASP A 540 -24.97 -3.84 -3.65
CA ASP A 540 -26.00 -4.34 -4.57
C ASP A 540 -25.36 -5.19 -5.67
N MET A 541 -24.27 -4.68 -6.23
CA MET A 541 -23.51 -5.36 -7.27
C MET A 541 -23.04 -6.75 -6.82
N ILE A 542 -22.54 -6.82 -5.59
CA ILE A 542 -22.14 -8.09 -4.98
C ILE A 542 -23.33 -9.03 -4.80
N VAL A 543 -24.41 -8.52 -4.23
CA VAL A 543 -25.59 -9.35 -3.96
C VAL A 543 -26.20 -9.93 -5.26
N ALA A 544 -26.17 -9.13 -6.32
CA ALA A 544 -26.64 -9.58 -7.64
C ALA A 544 -25.82 -10.76 -8.19
N GLN A 545 -24.51 -10.74 -7.94
CA GLN A 545 -23.60 -11.75 -8.47
C GLN A 545 -23.80 -13.04 -7.70
N LEU A 546 -24.05 -12.89 -6.40
CA LEU A 546 -24.43 -14.02 -5.57
C LEU A 546 -25.71 -14.68 -6.08
N ASN A 547 -26.71 -13.85 -6.43
CA ASN A 547 -28.00 -14.36 -6.91
C ASN A 547 -28.00 -14.74 -8.38
N GLU A 548 -26.86 -14.60 -9.06
CA GLU A 548 -26.72 -14.90 -10.48
C GLU A 548 -27.71 -14.11 -11.32
N ASP A 549 -27.97 -12.88 -10.88
CA ASP A 549 -28.92 -11.95 -11.51
C ASP A 549 -28.10 -10.94 -12.31
N THR A 550 -28.01 -11.18 -13.62
CA THR A 550 -27.07 -10.46 -14.48
C THR A 550 -27.53 -9.01 -14.70
N GLU A 551 -28.85 -8.82 -14.76
CA GLU A 551 -29.44 -7.52 -15.02
C GLU A 551 -29.21 -6.56 -13.85
N ALA A 552 -29.47 -7.05 -12.64
CA ALA A 552 -29.28 -6.28 -11.42
C ALA A 552 -27.80 -6.00 -11.22
N TYR A 553 -26.96 -6.93 -11.66
CA TYR A 553 -25.52 -6.79 -11.56
C TYR A 553 -25.00 -5.68 -12.45
N GLU A 554 -25.36 -5.74 -13.74
CA GLU A 554 -24.90 -4.77 -14.73
C GLU A 554 -25.36 -3.36 -14.36
N SER A 555 -26.60 -3.26 -13.88
CA SER A 555 -27.21 -2.02 -13.42
C SER A 555 -26.56 -1.39 -12.18
N ALA A 556 -26.36 -2.18 -11.13
CA ALA A 556 -25.64 -1.73 -9.93
C ALA A 556 -24.18 -1.37 -10.25
N LYS A 557 -23.57 -2.17 -11.11
CA LYS A 557 -22.21 -1.91 -11.59
C LYS A 557 -22.05 -0.56 -12.32
N GLU A 558 -22.97 -0.25 -13.25
CA GLU A 558 -22.92 1.06 -13.92
C GLU A 558 -23.00 2.18 -12.90
N ILE A 559 -23.83 2.01 -11.88
CA ILE A 559 -23.99 3.04 -10.85
C ILE A 559 -22.72 3.19 -9.99
N ALA A 560 -22.21 2.07 -9.50
CA ALA A 560 -21.07 2.05 -8.60
C ALA A 560 -19.85 2.65 -9.30
N GLN A 561 -19.65 2.27 -10.56
CA GLN A 561 -18.61 2.86 -11.41
C GLN A 561 -18.78 4.37 -11.61
N ASN A 562 -20.01 4.81 -11.81
CA ASN A 562 -20.27 6.23 -12.01
C ASN A 562 -19.99 7.10 -10.79
N LYS A 563 -20.35 6.58 -9.65
CA LYS A 563 -20.15 7.24 -8.37
C LYS A 563 -18.66 7.37 -8.07
N LEU A 564 -17.92 6.31 -8.33
CA LEU A 564 -16.50 6.32 -8.24
C LEU A 564 -15.89 7.40 -9.15
N ASN A 565 -16.27 7.41 -10.42
CA ASN A 565 -15.68 8.33 -11.37
C ASN A 565 -16.00 9.76 -11.02
N THR A 566 -17.23 10.01 -10.58
CA THR A 566 -17.57 11.30 -10.00
C THR A 566 -16.60 11.68 -8.85
N ALA A 567 -16.45 10.81 -7.86
CA ALA A 567 -15.56 11.10 -6.76
C ALA A 567 -14.10 11.37 -7.23
N LEU A 568 -13.60 10.53 -8.15
CA LEU A 568 -12.23 10.68 -8.66
C LEU A 568 -11.99 12.01 -9.39
N SER A 569 -13.01 12.55 -10.05
CA SER A 569 -12.86 13.72 -10.90
C SER A 569 -13.01 15.02 -10.12
N SER A 570 -13.66 14.91 -8.98
CA SER A 570 -13.99 16.03 -8.13
C SER A 570 -12.73 16.61 -7.45
N PHE A 571 -12.75 17.90 -7.12
CA PHE A 571 -11.62 18.52 -6.46
C PHE A 571 -11.50 18.00 -5.03
N ALA A 572 -12.65 17.76 -4.42
CA ALA A 572 -12.76 17.34 -3.04
C ALA A 572 -12.29 15.91 -2.89
N VAL A 573 -11.57 15.62 -1.81
CA VAL A 573 -11.05 14.29 -1.58
C VAL A 573 -11.40 13.86 -0.17
N ILE A 574 -11.86 12.62 -0.02
CA ILE A 574 -12.20 12.07 1.31
C ILE A 574 -12.13 10.53 1.30
N SER A 575 -11.73 9.93 2.41
CA SER A 575 -11.88 8.48 2.62
C SER A 575 -11.27 7.63 1.48
N GLU A 576 -10.12 8.06 0.96
CA GLU A 576 -9.47 7.36 -0.14
C GLU A 576 -9.37 5.87 0.07
N LYS A 577 -8.85 5.46 1.22
CA LYS A 577 -8.53 4.04 1.50
C LYS A 577 -9.71 3.26 2.03
N VAL A 578 -10.82 3.96 2.25
CA VAL A 578 -12.00 3.30 2.82
C VAL A 578 -13.21 3.35 1.88
N ALA A 579 -14.03 4.41 2.00
CA ALA A 579 -15.22 4.53 1.18
C ALA A 579 -14.91 4.48 -0.30
N GLN A 580 -13.82 5.11 -0.72
CA GLN A 580 -13.52 5.15 -2.15
C GLN A 580 -12.92 3.82 -2.62
N SER A 581 -11.91 3.35 -1.90
CA SER A 581 -11.26 2.10 -2.24
C SER A 581 -12.26 0.94 -2.28
N PHE A 582 -13.29 1.00 -1.44
CA PHE A 582 -14.21 -0.14 -1.33
C PHE A 582 -14.89 -0.39 -2.66
N ILE A 583 -15.22 0.70 -3.35
CA ILE A 583 -15.87 0.58 -4.65
C ILE A 583 -14.92 -0.06 -5.66
N GLN A 584 -13.67 0.41 -5.67
CA GLN A 584 -12.65 -0.18 -6.55
C GLN A 584 -12.48 -1.67 -6.27
N GLU A 585 -12.57 -2.04 -4.98
CA GLU A 585 -12.44 -3.44 -4.52
C GLU A 585 -13.60 -4.29 -4.98
N ALA A 586 -14.81 -3.76 -4.85
CA ALA A 586 -16.03 -4.45 -5.29
C ALA A 586 -16.01 -4.67 -6.80
N LEU A 587 -15.59 -3.67 -7.56
CA LEU A 587 -15.57 -3.76 -9.03
C LEU A 587 -14.55 -4.81 -9.53
N SER A 588 -13.50 -5.06 -8.75
CA SER A 588 -12.48 -6.03 -9.15
C SER A 588 -12.71 -7.43 -8.58
N PHE A 589 -13.75 -7.58 -7.76
CA PHE A 589 -14.07 -8.87 -7.16
C PHE A 589 -14.97 -9.61 -8.15
N ASP A 590 -14.39 -10.51 -8.93
CA ASP A 590 -15.13 -11.27 -9.93
C ASP A 590 -15.95 -12.41 -9.31
N LEU A 591 -17.24 -12.12 -9.05
CA LEU A 591 -18.17 -13.18 -8.62
C LEU A 591 -19.06 -13.74 -9.73
N THR A 592 -18.66 -13.56 -10.99
CA THR A 592 -19.43 -14.15 -12.10
C THR A 592 -18.79 -15.45 -12.60
N LEU A 593 -17.66 -15.85 -11.99
CA LEU A 593 -17.01 -17.12 -12.32
C LEU A 593 -17.89 -18.35 -12.04
N ILE A 594 -18.36 -18.98 -13.13
CA ILE A 594 -19.46 -19.97 -13.12
C ILE A 594 -20.79 -19.47 -12.48
N GLN B 10 32.77 -18.36 -30.01
CA GLN B 10 33.13 -19.48 -30.95
C GLN B 10 32.07 -20.58 -30.99
N VAL B 11 30.90 -20.29 -30.44
CA VAL B 11 29.69 -21.05 -30.78
C VAL B 11 28.46 -20.16 -30.57
N LEU B 12 28.16 -19.70 -29.36
CA LEU B 12 28.66 -20.20 -28.08
C LEU B 12 27.58 -21.19 -27.65
N VAL B 13 27.50 -21.51 -26.37
CA VAL B 13 26.34 -22.24 -25.86
C VAL B 13 25.09 -21.36 -25.98
N PRO B 14 24.10 -21.81 -26.76
CA PRO B 14 22.85 -21.01 -26.88
C PRO B 14 22.06 -21.00 -25.57
N ASN B 15 21.10 -20.08 -25.48
CA ASN B 15 20.05 -20.12 -24.46
C ASN B 15 19.45 -21.51 -24.37
N LEU B 16 19.28 -22.02 -23.16
CA LEU B 16 18.68 -23.33 -22.95
C LEU B 16 17.58 -23.29 -21.93
N ASN B 17 16.56 -24.13 -22.13
CA ASN B 17 15.48 -24.26 -21.17
C ASN B 17 14.84 -25.65 -21.16
N PRO B 18 14.77 -26.32 -19.98
CA PRO B 18 15.33 -25.88 -18.69
C PRO B 18 16.86 -25.82 -18.68
N THR B 19 17.42 -25.08 -17.73
CA THR B 19 18.85 -25.14 -17.46
C THR B 19 19.24 -26.58 -17.10
N PRO B 20 20.13 -27.19 -17.90
CA PRO B 20 20.70 -28.52 -17.59
C PRO B 20 21.35 -28.56 -16.21
N GLU B 21 21.25 -29.68 -15.52
CA GLU B 21 21.86 -29.82 -14.21
C GLU B 21 23.38 -29.67 -14.29
N ASN B 22 24.04 -30.53 -15.08
CA ASN B 22 25.46 -30.41 -15.29
C ASN B 22 25.81 -30.15 -16.76
N LEU B 23 26.46 -29.01 -17.00
CA LEU B 23 26.96 -28.67 -18.33
C LEU B 23 28.40 -28.17 -18.28
N GLU B 24 29.27 -28.83 -19.04
CA GLU B 24 30.66 -28.45 -19.11
C GLU B 24 31.02 -28.20 -20.56
N VAL B 25 31.58 -27.03 -20.86
CA VAL B 25 32.13 -26.76 -22.19
C VAL B 25 33.57 -27.30 -22.30
N VAL B 26 33.80 -28.19 -23.26
CA VAL B 26 35.09 -28.89 -23.36
C VAL B 26 35.92 -28.57 -24.62
N GLY B 27 35.34 -27.83 -25.56
CA GLY B 27 36.03 -27.54 -26.82
C GLY B 27 35.59 -26.26 -27.51
N ASP B 28 36.08 -26.09 -28.74
CA ASP B 28 35.81 -24.90 -29.55
C ASP B 28 34.43 -24.93 -30.24
N GLY B 29 33.88 -26.11 -30.47
CA GLY B 29 32.62 -26.26 -31.20
C GLY B 29 32.85 -26.73 -32.62
N PHE B 30 31.80 -27.25 -33.27
CA PHE B 30 31.92 -27.74 -34.65
C PHE B 30 30.65 -27.60 -35.50
N LYS B 31 30.83 -27.56 -36.82
CA LYS B 31 29.71 -27.46 -37.76
C LYS B 31 29.20 -28.85 -38.07
N ILE B 32 27.88 -28.99 -38.12
CA ILE B 32 27.25 -30.27 -38.43
C ILE B 32 27.05 -30.41 -39.95
N THR B 33 27.63 -31.46 -40.52
CA THR B 33 27.58 -31.67 -41.97
C THR B 33 26.14 -31.71 -42.51
N SER B 34 25.98 -31.27 -43.75
CA SER B 34 24.67 -31.19 -44.42
C SER B 34 23.97 -32.54 -44.49
N SER B 35 24.75 -33.59 -44.32
CA SER B 35 24.26 -34.95 -44.27
C SER B 35 24.94 -35.63 -43.09
N ILE B 36 24.16 -36.26 -42.22
CA ILE B 36 24.73 -36.98 -41.08
C ILE B 36 24.65 -38.51 -41.16
N ASN B 37 25.44 -39.18 -40.32
CA ASN B 37 25.31 -40.61 -40.04
C ASN B 37 24.51 -40.80 -38.76
N LEU B 38 23.47 -41.63 -38.81
CA LEU B 38 22.63 -41.87 -37.64
C LEU B 38 22.76 -43.29 -37.12
N VAL B 39 23.18 -43.42 -35.86
CA VAL B 39 23.34 -44.75 -35.25
C VAL B 39 22.38 -44.90 -34.07
N GLY B 40 21.72 -46.05 -34.02
CA GLY B 40 20.93 -46.46 -32.86
C GLY B 40 19.45 -46.19 -32.97
N GLU B 41 19.04 -45.57 -34.08
CA GLU B 41 17.66 -45.14 -34.29
C GLU B 41 16.68 -46.30 -34.42
N GLU B 42 17.21 -47.52 -34.38
CA GLU B 42 16.40 -48.73 -34.46
C GLU B 42 16.00 -49.16 -33.05
N GLU B 43 16.90 -48.96 -32.08
CA GLU B 43 16.67 -49.35 -30.68
C GLU B 43 16.24 -48.17 -29.77
N ALA B 44 16.59 -46.96 -30.16
CA ALA B 44 16.29 -45.75 -29.38
C ALA B 44 14.79 -45.54 -29.21
N ASP B 45 14.40 -44.65 -28.29
CA ASP B 45 12.98 -44.32 -28.09
C ASP B 45 12.34 -43.75 -29.37
N GLU B 46 11.31 -44.43 -29.87
CA GLU B 46 10.58 -44.02 -31.08
C GLU B 46 10.23 -42.53 -31.07
N ASN B 47 9.56 -42.11 -30.00
CA ASN B 47 9.18 -40.70 -29.81
C ASN B 47 10.35 -39.74 -29.93
N ALA B 48 11.46 -40.09 -29.26
CA ALA B 48 12.71 -39.32 -29.30
C ALA B 48 13.25 -39.22 -30.72
N VAL B 49 13.23 -40.35 -31.43
CA VAL B 49 13.76 -40.45 -32.77
C VAL B 49 12.90 -39.64 -33.75
N ASN B 50 11.58 -39.72 -33.57
CA ASN B 50 10.63 -38.93 -34.36
C ASN B 50 10.89 -37.46 -34.20
N ALA B 51 11.11 -37.02 -32.97
CA ALA B 51 11.40 -35.59 -32.72
C ALA B 51 12.74 -35.19 -33.33
N LEU B 52 13.69 -36.13 -33.37
CA LEU B 52 14.97 -35.89 -34.02
C LEU B 52 14.84 -35.73 -35.54
N ARG B 53 14.21 -36.73 -36.17
CA ARG B 53 13.93 -36.68 -37.61
C ARG B 53 13.29 -35.35 -38.01
N GLU B 54 12.23 -34.97 -37.30
CA GLU B 54 11.50 -33.71 -37.54
C GLU B 54 12.39 -32.48 -37.55
N PHE B 55 13.25 -32.36 -36.55
CA PHE B 55 14.18 -31.24 -36.43
C PHE B 55 15.18 -31.25 -37.59
N LEU B 56 15.76 -32.43 -37.83
CA LEU B 56 16.71 -32.63 -38.91
C LEU B 56 16.12 -32.27 -40.27
N THR B 57 14.87 -32.68 -40.50
CA THR B 57 14.17 -32.36 -41.74
C THR B 57 14.00 -30.84 -41.84
N ALA B 58 13.46 -30.24 -40.78
CA ALA B 58 13.27 -28.79 -40.70
C ALA B 58 14.55 -27.97 -40.94
N ASN B 59 15.70 -28.53 -40.59
CA ASN B 59 16.95 -27.77 -40.70
C ASN B 59 17.77 -28.14 -41.93
N ASN B 60 17.11 -28.83 -42.87
CA ASN B 60 17.72 -29.27 -44.13
C ASN B 60 18.94 -30.17 -43.93
N ILE B 61 18.78 -31.14 -43.03
CA ILE B 61 19.81 -32.11 -42.72
C ILE B 61 19.36 -33.51 -43.16
N GLU B 62 20.08 -34.06 -44.14
CA GLU B 62 19.80 -35.40 -44.64
C GLU B 62 20.44 -36.48 -43.77
N ILE B 63 19.80 -37.66 -43.73
CA ILE B 63 20.35 -38.82 -43.04
C ILE B 63 20.99 -39.77 -44.06
N ASN B 64 22.25 -40.14 -43.82
CA ASN B 64 22.95 -41.08 -44.72
C ASN B 64 22.35 -42.49 -44.68
N SER B 65 22.21 -43.09 -45.85
CA SER B 65 21.75 -44.46 -45.96
C SER B 65 22.90 -45.42 -45.68
N GLU B 66 24.10 -45.05 -46.15
CA GLU B 66 25.34 -45.75 -45.79
C GLU B 66 26.28 -44.82 -45.02
N ASN B 67 27.09 -45.39 -44.13
CA ASN B 67 28.02 -44.61 -43.31
C ASN B 67 29.07 -43.82 -44.10
N ASP B 68 29.38 -42.62 -43.62
CA ASP B 68 30.35 -41.74 -44.28
C ASP B 68 31.31 -41.09 -43.28
N PRO B 69 32.62 -41.46 -43.34
CA PRO B 69 33.71 -40.95 -42.50
C PRO B 69 33.74 -39.42 -42.38
N ASN B 70 33.52 -38.72 -43.49
CA ASN B 70 33.57 -37.25 -43.48
C ASN B 70 32.32 -36.55 -42.92
N SER B 71 31.33 -37.35 -42.46
CA SER B 71 30.06 -36.80 -41.94
C SER B 71 29.97 -36.70 -40.40
N THR B 72 29.16 -35.75 -39.94
CA THR B 72 28.84 -35.67 -38.53
C THR B 72 28.01 -36.91 -38.18
N THR B 73 28.39 -37.60 -37.10
CA THR B 73 27.70 -38.80 -36.66
C THR B 73 26.90 -38.50 -35.40
N LEU B 74 25.66 -38.96 -35.37
CA LEU B 74 24.79 -38.81 -34.21
C LEU B 74 24.35 -40.19 -33.74
N ILE B 75 24.64 -40.49 -32.47
CA ILE B 75 24.30 -41.77 -31.89
C ILE B 75 23.23 -41.55 -30.82
N ILE B 76 22.27 -42.46 -30.75
CA ILE B 76 21.11 -42.28 -29.87
C ILE B 76 20.57 -43.61 -29.35
N GLY B 77 20.24 -43.64 -28.06
CA GLY B 77 19.69 -44.84 -27.43
C GLY B 77 19.52 -44.68 -25.94
N GLU B 78 19.07 -45.75 -25.29
CA GLU B 78 18.94 -45.79 -23.84
C GLU B 78 20.12 -46.56 -23.23
N VAL B 79 20.26 -46.46 -21.91
CA VAL B 79 21.40 -47.07 -21.19
C VAL B 79 21.48 -48.56 -21.46
N ASP B 80 20.36 -49.26 -21.32
CA ASP B 80 20.42 -50.72 -21.46
C ASP B 80 20.20 -51.27 -22.88
N ASP B 81 20.25 -50.38 -23.87
CA ASP B 81 20.23 -50.78 -25.27
C ASP B 81 21.60 -51.30 -25.71
N ASP B 82 21.59 -52.27 -26.62
CA ASP B 82 22.81 -52.83 -27.17
C ASP B 82 23.39 -51.93 -28.29
N ILE B 83 24.16 -50.92 -27.89
CA ILE B 83 24.75 -49.96 -28.84
C ILE B 83 26.19 -49.62 -28.47
N PRO B 84 27.16 -50.34 -29.06
CA PRO B 84 28.60 -50.10 -28.85
C PRO B 84 29.05 -48.64 -29.05
N GLU B 85 28.70 -48.03 -30.19
CA GLU B 85 29.14 -46.65 -30.53
C GLU B 85 28.67 -45.63 -29.50
N LEU B 86 27.58 -45.93 -28.80
CA LEU B 86 27.06 -45.05 -27.75
C LEU B 86 28.05 -44.98 -26.58
N ASP B 87 28.47 -46.14 -26.10
CA ASP B 87 29.51 -46.25 -25.08
C ASP B 87 30.76 -45.43 -25.43
N GLU B 88 31.26 -45.63 -26.66
CA GLU B 88 32.47 -44.99 -27.19
C GLU B 88 32.44 -43.45 -27.23
N ALA B 89 31.44 -42.88 -27.89
CA ALA B 89 31.36 -41.42 -28.09
C ALA B 89 31.06 -40.67 -26.79
N LEU B 90 30.46 -41.36 -25.82
CA LEU B 90 30.19 -40.78 -24.50
C LEU B 90 31.46 -40.56 -23.68
N ASN B 91 32.47 -41.40 -23.94
CA ASN B 91 33.80 -41.37 -23.31
C ASN B 91 33.81 -41.14 -21.79
N GLY B 92 33.25 -42.10 -21.05
CA GLY B 92 33.25 -42.05 -19.59
C GLY B 92 31.89 -41.77 -18.95
N THR B 93 31.32 -40.60 -19.24
CA THR B 93 30.05 -40.15 -18.65
C THR B 93 28.86 -40.85 -19.27
N THR B 94 27.97 -41.39 -18.44
CA THR B 94 26.70 -41.97 -18.91
C THR B 94 25.50 -41.46 -18.13
N ALA B 95 24.34 -42.09 -18.33
CA ALA B 95 23.10 -41.69 -17.67
C ALA B 95 22.70 -42.76 -16.64
N GLU B 96 23.68 -43.52 -16.17
CA GLU B 96 23.42 -44.77 -15.43
C GLU B 96 22.64 -44.84 -14.09
N ASN B 97 22.87 -44.07 -13.00
CA ASN B 97 23.67 -42.85 -12.73
C ASN B 97 22.98 -41.70 -11.82
N LEU B 98 21.68 -41.36 -11.81
CA LEU B 98 20.76 -40.80 -12.85
C LEU B 98 19.30 -41.28 -12.79
N LYS B 99 18.41 -40.38 -12.37
CA LYS B 99 17.01 -40.73 -12.13
C LYS B 99 16.21 -40.78 -13.43
N GLU B 100 15.00 -41.33 -13.34
CA GLU B 100 14.02 -41.28 -14.44
C GLU B 100 13.98 -39.91 -15.13
N GLU B 101 13.86 -39.91 -16.46
CA GLU B 101 13.89 -38.68 -17.30
C GLU B 101 15.29 -38.08 -17.44
N GLY B 102 16.26 -38.64 -16.70
CA GLY B 102 17.66 -38.25 -16.82
C GLY B 102 18.25 -38.71 -18.13
N TYR B 103 19.28 -38.01 -18.60
CA TYR B 103 19.97 -38.35 -19.85
C TYR B 103 21.39 -37.76 -19.85
N ALA B 104 22.24 -38.31 -20.71
CA ALA B 104 23.57 -37.78 -20.97
C ALA B 104 23.68 -37.35 -22.43
N LEU B 105 24.31 -36.20 -22.63
CA LEU B 105 24.58 -35.71 -23.98
C LEU B 105 26.04 -35.29 -24.07
N VAL B 106 26.74 -35.86 -25.05
CA VAL B 106 28.13 -35.50 -25.32
C VAL B 106 28.33 -35.10 -26.79
N SER B 107 28.72 -33.84 -27.00
CA SER B 107 29.15 -33.39 -28.32
C SER B 107 30.65 -33.14 -28.32
N ASN B 108 31.36 -33.89 -29.17
CA ASN B 108 32.80 -33.83 -29.23
C ASN B 108 33.33 -34.30 -30.59
N ASP B 109 34.01 -33.39 -31.30
CA ASP B 109 34.72 -33.67 -32.55
C ASP B 109 33.98 -34.53 -33.60
N GLY B 110 32.84 -34.00 -34.09
CA GLY B 110 32.07 -34.65 -35.15
C GLY B 110 31.02 -35.68 -34.73
N LYS B 111 31.06 -36.04 -33.40
CA LYS B 111 30.10 -37.01 -32.87
C LYS B 111 29.16 -36.36 -31.83
N ILE B 112 27.90 -36.78 -31.87
CA ILE B 112 26.90 -36.33 -30.90
C ILE B 112 26.18 -37.55 -30.35
N ALA B 113 26.30 -37.76 -29.05
CA ALA B 113 25.73 -38.94 -28.40
C ALA B 113 24.67 -38.53 -27.38
N ILE B 114 23.55 -39.26 -27.39
CA ILE B 114 22.41 -38.99 -26.52
C ILE B 114 21.99 -40.31 -25.89
N GLU B 115 22.00 -40.35 -24.56
CA GLU B 115 21.62 -41.56 -23.82
C GLU B 115 20.68 -41.17 -22.69
N GLY B 116 19.49 -41.75 -22.67
CA GLY B 116 18.55 -41.55 -21.56
C GLY B 116 18.53 -42.75 -20.63
N LYS B 117 18.21 -42.50 -19.37
CA LYS B 117 18.00 -43.57 -18.40
C LYS B 117 16.81 -44.41 -18.87
N ASP B 118 15.83 -43.71 -19.45
CA ASP B 118 14.66 -44.33 -20.05
C ASP B 118 14.37 -43.57 -21.34
N GLY B 119 13.27 -43.92 -22.01
CA GLY B 119 12.84 -43.25 -23.23
C GLY B 119 12.54 -41.78 -23.05
N ASP B 120 12.02 -41.41 -21.87
CA ASP B 120 11.71 -40.01 -21.58
C ASP B 120 12.99 -39.21 -21.69
N GLY B 121 14.03 -39.70 -21.00
CA GLY B 121 15.33 -39.03 -21.00
C GLY B 121 15.91 -38.88 -22.38
N THR B 122 15.80 -39.92 -23.19
CA THR B 122 16.26 -39.86 -24.57
C THR B 122 15.50 -38.75 -25.35
N PHE B 123 14.18 -38.73 -25.23
CA PHE B 123 13.37 -37.64 -25.77
C PHE B 123 13.91 -36.28 -25.30
N TYR B 124 14.12 -36.13 -24.00
CA TYR B 124 14.58 -34.85 -23.49
C TYR B 124 15.98 -34.47 -23.96
N GLY B 125 16.83 -35.48 -24.13
CA GLY B 125 18.17 -35.26 -24.67
C GLY B 125 18.11 -34.66 -26.07
N VAL B 126 17.18 -35.17 -26.89
CA VAL B 126 16.86 -34.61 -28.20
C VAL B 126 16.42 -33.14 -28.10
N GLN B 127 15.60 -32.80 -27.09
CA GLN B 127 15.16 -31.41 -26.89
C GLN B 127 16.32 -30.44 -26.61
N THR B 128 17.31 -30.90 -25.85
CA THR B 128 18.48 -30.11 -25.54
C THR B 128 19.32 -29.99 -26.81
N PHE B 129 19.43 -31.09 -27.56
CA PHE B 129 20.13 -31.08 -28.84
C PHE B 129 19.59 -29.98 -29.77
N LYS B 130 18.28 -30.03 -30.02
CA LYS B 130 17.56 -29.00 -30.80
C LYS B 130 17.90 -27.57 -30.32
N GLN B 131 17.93 -27.35 -29.01
CA GLN B 131 18.35 -26.06 -28.46
C GLN B 131 19.86 -25.74 -28.61
N LEU B 132 20.72 -26.76 -28.68
CA LEU B 132 22.17 -26.54 -28.79
C LEU B 132 22.63 -26.09 -30.19
N VAL B 133 21.98 -26.64 -31.22
CA VAL B 133 22.31 -26.36 -32.62
C VAL B 133 21.81 -24.99 -33.09
N LYS B 134 22.72 -24.16 -33.58
CA LYS B 134 22.37 -22.91 -34.27
C LYS B 134 23.18 -22.80 -35.55
N GLU B 135 22.49 -22.66 -36.68
CA GLU B 135 23.16 -22.53 -38.00
C GLU B 135 24.04 -23.73 -38.35
N SER B 136 23.62 -24.92 -37.90
CA SER B 136 24.41 -26.17 -38.01
C SER B 136 25.61 -26.24 -37.05
N ASN B 137 25.93 -25.15 -36.39
CA ASN B 137 27.00 -25.12 -35.40
C ASN B 137 26.50 -25.56 -34.03
N ILE B 138 27.33 -26.34 -33.33
CA ILE B 138 27.00 -26.85 -32.00
C ILE B 138 28.24 -26.69 -31.10
N PRO B 139 28.04 -26.32 -29.83
CA PRO B 139 29.18 -26.25 -28.91
C PRO B 139 29.63 -27.63 -28.49
N GLU B 140 30.86 -27.75 -28.00
CA GLU B 140 31.35 -29.06 -27.51
C GLU B 140 31.18 -29.18 -26.00
N VAL B 141 30.25 -30.05 -25.61
CA VAL B 141 29.82 -30.13 -24.22
C VAL B 141 29.71 -31.55 -23.69
N ASN B 142 29.68 -31.63 -22.36
CA ASN B 142 29.35 -32.83 -21.63
C ASN B 142 28.20 -32.47 -20.74
N ILE B 143 27.08 -33.16 -20.94
CA ILE B 143 25.87 -32.92 -20.18
C ILE B 143 25.41 -34.18 -19.44
N THR B 144 25.07 -33.98 -18.16
CA THR B 144 24.25 -34.90 -17.40
C THR B 144 23.09 -34.05 -16.87
N ASP B 145 21.88 -34.60 -16.88
CA ASP B 145 20.70 -33.78 -16.64
C ASP B 145 19.56 -34.67 -16.22
N TYR B 146 18.70 -34.11 -15.37
CA TYR B 146 17.53 -34.79 -14.82
C TYR B 146 16.76 -33.74 -14.05
N PRO B 147 15.44 -33.96 -13.86
CA PRO B 147 14.62 -32.92 -13.23
C PRO B 147 14.72 -32.92 -11.70
N THR B 148 14.58 -31.78 -11.06
CA THR B 148 14.44 -31.71 -9.61
C THR B 148 13.12 -32.39 -9.18
N VAL B 149 12.03 -32.04 -9.85
CA VAL B 149 10.70 -32.48 -9.49
C VAL B 149 10.18 -33.42 -10.57
N SER B 150 9.56 -34.54 -10.19
CA SER B 150 9.22 -35.58 -11.16
C SER B 150 7.92 -35.40 -11.96
N ALA B 151 6.97 -34.63 -11.43
CA ALA B 151 5.85 -34.19 -12.26
C ALA B 151 5.85 -32.69 -12.40
N ARG B 152 5.87 -32.23 -13.65
CA ARG B 152 6.00 -30.80 -13.96
C ARG B 152 5.01 -30.45 -15.08
N GLY B 153 4.15 -29.46 -14.86
CA GLY B 153 3.30 -29.07 -15.95
C GLY B 153 2.20 -28.06 -15.71
N ILE B 154 1.13 -28.20 -16.48
CA ILE B 154 0.10 -27.19 -16.55
C ILE B 154 -1.22 -27.87 -16.20
N VAL B 155 -2.06 -27.17 -15.45
CA VAL B 155 -3.48 -27.57 -15.31
C VAL B 155 -4.34 -26.50 -16.01
N GLU B 156 -4.99 -26.89 -17.10
CA GLU B 156 -5.95 -26.00 -17.71
C GLU B 156 -7.14 -26.04 -16.77
N GLY B 157 -7.16 -25.17 -15.76
CA GLY B 157 -8.13 -25.31 -14.68
C GLY B 157 -8.84 -24.03 -14.33
N PHE B 158 -8.89 -23.11 -15.28
CA PHE B 158 -9.41 -21.77 -15.03
C PHE B 158 -10.87 -21.70 -15.41
N TYR B 159 -11.53 -20.63 -14.93
CA TYR B 159 -12.82 -20.21 -15.45
C TYR B 159 -12.62 -19.40 -16.73
N GLY B 160 -13.64 -19.35 -17.58
CA GLY B 160 -13.62 -18.59 -18.83
C GLY B 160 -13.49 -19.54 -20.00
N THR B 161 -13.39 -18.96 -21.21
CA THR B 161 -13.27 -19.69 -22.47
C THR B 161 -12.12 -20.66 -22.44
N PRO B 162 -12.41 -21.97 -22.55
CA PRO B 162 -11.33 -22.95 -22.53
C PRO B 162 -10.48 -22.83 -23.80
N TRP B 163 -9.22 -23.24 -23.68
CA TRP B 163 -8.34 -23.33 -24.85
C TRP B 163 -9.00 -24.14 -25.96
N THR B 164 -8.80 -23.70 -27.20
CA THR B 164 -9.23 -24.43 -28.37
C THR B 164 -8.37 -25.70 -28.49
N HIS B 165 -8.91 -26.65 -29.24
CA HIS B 165 -8.23 -27.87 -29.60
C HIS B 165 -6.85 -27.57 -30.19
N GLN B 166 -6.77 -26.72 -31.22
CA GLN B 166 -5.43 -26.34 -31.76
C GLN B 166 -4.52 -25.68 -30.71
N ASP B 167 -5.07 -24.87 -29.79
CA ASP B 167 -4.27 -24.28 -28.70
C ASP B 167 -3.61 -25.40 -27.93
N ARG B 168 -4.41 -26.41 -27.58
CA ARG B 168 -3.92 -27.49 -26.73
C ARG B 168 -2.85 -28.32 -27.42
N LEU B 169 -3.09 -28.66 -28.68
CA LEU B 169 -2.08 -29.38 -29.48
C LEU B 169 -0.73 -28.62 -29.54
N ASP B 170 -0.79 -27.31 -29.78
CA ASP B 170 0.40 -26.45 -29.75
C ASP B 170 1.03 -26.40 -28.35
N GLN B 171 0.20 -26.30 -27.31
CA GLN B 171 0.69 -26.29 -25.93
C GLN B 171 1.44 -27.59 -25.61
N ILE B 172 0.87 -28.72 -26.00
CA ILE B 172 1.46 -30.02 -25.74
C ILE B 172 2.85 -30.15 -26.38
N LYS B 173 3.02 -29.70 -27.63
CA LYS B 173 4.35 -29.70 -28.27
C LYS B 173 5.29 -28.79 -27.49
N PHE B 174 4.76 -27.66 -27.05
CA PHE B 174 5.52 -26.71 -26.25
C PHE B 174 5.97 -27.31 -24.92
N TYR B 175 5.13 -28.13 -24.30
CA TYR B 175 5.57 -28.78 -23.04
C TYR B 175 6.71 -29.75 -23.28
N GLY B 176 6.59 -30.54 -24.36
CA GLY B 176 7.60 -31.54 -24.70
C GLY B 176 8.95 -30.87 -24.97
N GLU B 177 8.92 -29.82 -25.77
CA GLU B 177 10.11 -29.02 -26.08
C GLU B 177 10.77 -28.40 -24.85
N ASN B 178 10.01 -28.20 -23.80
CA ASN B 178 10.55 -27.58 -22.59
C ASN B 178 10.59 -28.53 -21.40
N LYS B 179 10.53 -29.83 -21.69
CA LYS B 179 10.65 -30.89 -20.69
C LYS B 179 9.53 -30.93 -19.61
N LEU B 180 8.36 -30.38 -19.95
CA LEU B 180 7.20 -30.44 -19.06
C LEU B 180 6.41 -31.68 -19.44
N ASN B 181 6.09 -32.51 -18.43
CA ASN B 181 5.60 -33.87 -18.61
C ASN B 181 4.16 -34.09 -18.15
N THR B 182 3.46 -33.02 -17.81
CA THR B 182 2.13 -33.16 -17.20
C THR B 182 1.15 -32.11 -17.71
N TYR B 183 0.06 -32.58 -18.30
CA TYR B 183 -1.01 -31.67 -18.65
C TYR B 183 -2.30 -32.19 -18.05
N ILE B 184 -2.88 -31.36 -17.19
CA ILE B 184 -4.15 -31.72 -16.55
C ILE B 184 -5.33 -31.05 -17.26
N TYR B 185 -6.22 -31.88 -17.78
CA TYR B 185 -7.44 -31.38 -18.41
C TYR B 185 -8.48 -31.11 -17.31
N ALA B 186 -8.79 -29.85 -17.04
CA ALA B 186 -9.78 -29.51 -15.99
C ALA B 186 -10.46 -28.17 -16.16
N PRO B 187 -10.92 -27.85 -17.38
CA PRO B 187 -11.51 -26.54 -17.57
C PRO B 187 -12.84 -26.40 -16.84
N LYS B 188 -12.93 -25.40 -15.98
CA LYS B 188 -14.15 -25.13 -15.22
C LYS B 188 -15.35 -24.97 -16.13
N ASP B 189 -15.15 -24.40 -17.32
CA ASP B 189 -16.28 -24.13 -18.21
C ASP B 189 -16.51 -25.12 -19.36
N ASP B 190 -15.81 -26.24 -19.34
CA ASP B 190 -16.27 -27.41 -20.12
C ASP B 190 -17.43 -28.05 -19.34
N PRO B 191 -18.65 -28.03 -19.90
CA PRO B 191 -19.84 -28.61 -19.23
C PRO B 191 -19.68 -30.04 -18.72
N TYR B 192 -19.01 -30.89 -19.50
CA TYR B 192 -18.79 -32.31 -19.15
C TYR B 192 -17.69 -32.53 -18.12
N HIS B 193 -16.99 -31.45 -17.74
CA HIS B 193 -15.98 -31.57 -16.68
C HIS B 193 -16.58 -31.37 -15.27
N ARG B 194 -17.62 -30.55 -15.15
CA ARG B 194 -18.12 -30.13 -13.84
C ARG B 194 -19.64 -29.94 -13.81
N GLU B 195 -20.18 -29.01 -14.60
CA GLU B 195 -21.63 -28.74 -14.61
C GLU B 195 -22.46 -29.97 -15.00
N LYS B 196 -21.94 -30.77 -15.92
CA LYS B 196 -22.66 -31.97 -16.36
C LYS B 196 -21.68 -33.11 -16.34
N TRP B 197 -20.98 -33.23 -15.21
CA TRP B 197 -19.92 -34.23 -15.03
C TRP B 197 -20.37 -35.68 -15.28
N ARG B 198 -21.64 -35.99 -15.03
CA ARG B 198 -22.18 -37.36 -15.26
C ARG B 198 -22.34 -37.67 -16.75
N GLU B 199 -22.51 -36.63 -17.56
CA GLU B 199 -22.85 -36.80 -18.98
C GLU B 199 -21.63 -37.19 -19.80
N PRO B 200 -21.76 -38.21 -20.67
CA PRO B 200 -20.65 -38.59 -21.54
C PRO B 200 -20.38 -37.58 -22.67
N TYR B 201 -19.11 -37.46 -23.03
CA TYR B 201 -18.66 -36.62 -24.15
C TYR B 201 -19.28 -37.05 -25.48
N PRO B 202 -19.76 -36.08 -26.27
CA PRO B 202 -20.27 -36.40 -27.61
C PRO B 202 -19.14 -36.98 -28.45
N GLU B 203 -19.48 -37.77 -29.47
CA GLU B 203 -18.50 -38.48 -30.29
C GLU B 203 -17.38 -37.56 -30.79
N SER B 204 -17.75 -36.47 -31.45
CA SER B 204 -16.77 -35.51 -32.00
C SER B 204 -15.77 -34.96 -30.96
N GLU B 205 -16.21 -34.78 -29.72
CA GLU B 205 -15.32 -34.34 -28.66
C GLU B 205 -14.45 -35.48 -28.14
N MET B 206 -14.91 -36.73 -28.28
CA MET B 206 -14.08 -37.88 -27.87
C MET B 206 -12.94 -38.04 -28.89
N GLN B 207 -13.24 -37.87 -30.17
CA GLN B 207 -12.20 -37.90 -31.21
C GLN B 207 -11.12 -36.83 -30.97
N ARG B 208 -11.54 -35.64 -30.53
CA ARG B 208 -10.58 -34.62 -30.15
C ARG B 208 -9.74 -35.02 -28.94
N MET B 209 -10.35 -35.60 -27.91
CA MET B 209 -9.57 -36.08 -26.77
C MET B 209 -8.51 -37.05 -27.27
N GLN B 210 -8.90 -37.96 -28.16
CA GLN B 210 -7.97 -38.94 -28.70
C GLN B 210 -6.73 -38.25 -29.26
N GLU B 211 -6.93 -37.30 -30.18
CA GLU B 211 -5.80 -36.52 -30.71
C GLU B 211 -4.94 -35.90 -29.61
N LEU B 212 -5.57 -35.46 -28.53
CA LEU B 212 -4.85 -34.80 -27.43
C LEU B 212 -3.99 -35.81 -26.68
N ILE B 213 -4.56 -36.99 -26.51
CA ILE B 213 -3.93 -38.11 -25.83
C ILE B 213 -2.81 -38.64 -26.69
N ASN B 214 -3.02 -38.70 -28.01
CA ASN B 214 -1.94 -39.12 -28.89
C ASN B 214 -0.82 -38.09 -28.87
N ALA B 215 -1.19 -36.81 -28.94
CA ALA B 215 -0.21 -35.76 -28.91
C ALA B 215 0.62 -35.81 -27.61
N SER B 216 -0.04 -35.97 -26.46
CA SER B 216 0.66 -36.08 -25.16
C SER B 216 1.71 -37.20 -25.18
N ALA B 217 1.30 -38.40 -25.57
CA ALA B 217 2.22 -39.53 -25.68
C ALA B 217 3.42 -39.27 -26.60
N GLU B 218 3.17 -38.71 -27.79
CA GLU B 218 4.24 -38.33 -28.71
C GLU B 218 5.25 -37.38 -28.07
N ASN B 219 4.81 -36.66 -27.04
CA ASN B 219 5.65 -35.67 -26.36
C ASN B 219 6.05 -36.00 -24.93
N LYS B 220 5.87 -37.27 -24.53
CA LYS B 220 6.22 -37.71 -23.17
C LYS B 220 5.52 -36.86 -22.09
N VAL B 221 4.34 -36.34 -22.42
CA VAL B 221 3.49 -35.68 -21.46
C VAL B 221 2.42 -36.64 -20.96
N ASP B 222 2.24 -36.71 -19.63
CA ASP B 222 1.09 -37.37 -19.02
C ASP B 222 -0.16 -36.49 -19.11
N PHE B 223 -1.13 -36.98 -19.87
CA PHE B 223 -2.46 -36.39 -19.95
C PHE B 223 -3.26 -36.83 -18.73
N VAL B 224 -3.69 -35.88 -17.92
CA VAL B 224 -4.45 -36.21 -16.72
C VAL B 224 -5.89 -35.81 -16.96
N PHE B 225 -6.79 -36.79 -16.93
CA PHE B 225 -8.19 -36.46 -17.09
C PHE B 225 -8.81 -36.05 -15.78
N GLY B 226 -9.16 -34.78 -15.67
CA GLY B 226 -9.76 -34.25 -14.44
C GLY B 226 -11.28 -34.30 -14.46
N ILE B 227 -11.87 -34.59 -13.31
CA ILE B 227 -13.33 -34.49 -13.18
C ILE B 227 -13.73 -33.75 -11.89
N SER B 228 -14.80 -32.96 -11.94
CA SER B 228 -15.23 -32.16 -10.79
C SER B 228 -16.73 -32.33 -10.46
N PRO B 229 -17.07 -33.34 -9.64
CA PRO B 229 -18.43 -33.73 -9.39
C PRO B 229 -19.07 -33.08 -8.13
N GLY B 230 -18.32 -32.22 -7.43
CA GLY B 230 -18.64 -31.83 -6.05
C GLY B 230 -19.86 -30.96 -5.78
N ILE B 231 -20.37 -30.29 -6.82
CA ILE B 231 -21.53 -29.42 -6.72
C ILE B 231 -22.79 -30.20 -6.34
N ASP B 232 -22.96 -31.38 -6.96
CA ASP B 232 -24.17 -32.18 -6.76
C ASP B 232 -24.01 -33.71 -6.68
N ILE B 233 -22.78 -34.20 -6.54
CA ILE B 233 -22.61 -35.64 -6.36
C ILE B 233 -23.36 -36.11 -5.10
N ARG B 234 -24.04 -37.25 -5.19
CA ARG B 234 -24.72 -37.81 -4.02
C ARG B 234 -23.89 -38.96 -3.47
N PHE B 235 -23.87 -39.11 -2.15
CA PHE B 235 -22.93 -40.01 -1.49
C PHE B 235 -23.56 -41.26 -0.95
N ASP B 236 -24.78 -41.18 -0.44
CA ASP B 236 -25.34 -42.34 0.26
C ASP B 236 -26.36 -43.16 -0.52
N GLY B 237 -26.45 -44.44 -0.17
CA GLY B 237 -27.44 -45.32 -0.74
C GLY B 237 -27.34 -45.52 -2.25
N ASP B 238 -28.47 -45.86 -2.85
CA ASP B 238 -28.57 -46.13 -4.27
C ASP B 238 -28.17 -44.97 -5.19
N ALA B 239 -28.42 -43.73 -4.74
CA ALA B 239 -27.98 -42.53 -5.46
C ALA B 239 -26.46 -42.40 -5.42
N GLY B 240 -25.85 -42.71 -4.28
CA GLY B 240 -24.40 -42.69 -4.14
C GLY B 240 -23.80 -43.75 -5.03
N GLU B 241 -24.44 -44.92 -5.06
CA GLU B 241 -24.03 -45.97 -5.98
C GLU B 241 -24.11 -45.49 -7.43
N GLU B 242 -25.27 -44.97 -7.81
CA GLU B 242 -25.52 -44.48 -9.15
C GLU B 242 -24.47 -43.41 -9.59
N ASP B 243 -24.23 -42.42 -8.73
CA ASP B 243 -23.23 -41.40 -8.96
C ASP B 243 -21.79 -41.88 -8.98
N PHE B 244 -21.45 -42.80 -8.09
CA PHE B 244 -20.10 -43.33 -8.11
C PHE B 244 -19.86 -44.10 -9.41
N ASN B 245 -20.85 -44.88 -9.84
CA ASN B 245 -20.76 -45.56 -11.13
C ASN B 245 -20.53 -44.59 -12.31
N HIS B 246 -21.21 -43.44 -12.32
CA HIS B 246 -21.04 -42.38 -13.32
C HIS B 246 -19.58 -41.91 -13.40
N LEU B 247 -18.91 -41.82 -12.25
CA LEU B 247 -17.48 -41.46 -12.23
C LEU B 247 -16.63 -42.52 -12.91
N ILE B 248 -16.92 -43.78 -12.60
CA ILE B 248 -16.22 -44.94 -13.14
C ILE B 248 -16.39 -45.01 -14.66
N THR B 249 -17.65 -44.92 -15.11
CA THR B 249 -18.04 -44.88 -16.51
C THR B 249 -17.27 -43.78 -17.25
N LYS B 250 -17.29 -42.58 -16.67
CA LYS B 250 -16.63 -41.40 -17.23
C LYS B 250 -15.11 -41.59 -17.38
N ALA B 251 -14.46 -42.05 -16.32
CA ALA B 251 -13.04 -42.41 -16.37
C ALA B 251 -12.74 -43.53 -17.39
N GLU B 252 -13.58 -44.57 -17.43
CA GLU B 252 -13.39 -45.69 -18.36
C GLU B 252 -13.36 -45.26 -19.84
N SER B 253 -14.28 -44.38 -20.25
CA SER B 253 -14.34 -43.94 -21.63
C SER B 253 -13.01 -43.29 -22.04
N LEU B 254 -12.43 -42.51 -21.14
CA LEU B 254 -11.12 -41.91 -21.38
C LEU B 254 -9.97 -42.89 -21.27
N TYR B 255 -10.09 -43.85 -20.36
CA TYR B 255 -9.08 -44.85 -20.17
C TYR B 255 -8.92 -45.65 -21.46
N ASP B 256 -10.06 -46.03 -22.02
CA ASP B 256 -10.15 -46.80 -23.25
C ASP B 256 -9.58 -46.09 -24.47
N MET B 257 -9.28 -44.80 -24.31
CA MET B 257 -8.62 -44.03 -25.35
C MET B 257 -7.12 -43.87 -25.09
N GLY B 258 -6.64 -44.42 -23.98
CA GLY B 258 -5.22 -44.30 -23.62
C GLY B 258 -4.90 -43.50 -22.35
N VAL B 259 -5.91 -42.89 -21.72
CA VAL B 259 -5.68 -42.14 -20.45
C VAL B 259 -5.28 -43.07 -19.32
N ARG B 260 -4.18 -42.69 -18.68
CA ARG B 260 -3.64 -43.44 -17.54
C ARG B 260 -3.45 -42.56 -16.30
N SER B 261 -3.96 -41.32 -16.34
CA SER B 261 -3.87 -40.41 -15.20
C SER B 261 -5.19 -39.70 -14.93
N PHE B 262 -5.60 -39.69 -13.67
CA PHE B 262 -6.91 -39.14 -13.30
C PHE B 262 -6.83 -38.21 -12.11
N ALA B 263 -7.71 -37.22 -12.12
CA ALA B 263 -7.84 -36.26 -11.02
C ALA B 263 -9.31 -36.10 -10.70
N ILE B 264 -9.66 -36.17 -9.41
CA ILE B 264 -11.00 -35.83 -8.94
C ILE B 264 -10.91 -34.63 -7.97
N TYR B 265 -11.67 -33.59 -8.26
CA TYR B 265 -11.47 -32.28 -7.63
C TYR B 265 -12.66 -31.81 -6.80
N TRP B 266 -12.39 -31.25 -5.63
CA TRP B 266 -13.45 -30.86 -4.69
C TRP B 266 -13.44 -29.37 -4.34
N ASP B 267 -12.80 -28.55 -5.18
CA ASP B 267 -12.67 -27.10 -4.94
C ASP B 267 -13.94 -26.33 -5.30
N ASP B 268 -14.14 -25.20 -4.62
CA ASP B 268 -15.11 -24.20 -5.08
C ASP B 268 -16.54 -24.67 -4.92
N ILE B 269 -16.78 -25.52 -3.92
CA ILE B 269 -18.11 -26.10 -3.68
C ILE B 269 -18.56 -25.79 -2.26
N GLN B 270 -19.88 -25.82 -2.03
CA GLN B 270 -20.47 -25.59 -0.70
C GLN B 270 -20.34 -26.77 0.24
N ASP B 271 -20.44 -27.97 -0.32
CA ASP B 271 -20.42 -29.17 0.50
C ASP B 271 -19.03 -29.45 1.04
N LYS B 272 -18.94 -29.63 2.35
CA LYS B 272 -17.67 -29.88 2.99
C LYS B 272 -17.74 -31.19 3.75
N SER B 273 -18.19 -32.24 3.06
CA SER B 273 -18.27 -33.55 3.67
C SER B 273 -16.94 -34.26 3.44
N ALA B 274 -15.96 -33.95 4.28
CA ALA B 274 -14.56 -34.40 4.11
C ALA B 274 -14.43 -35.92 4.00
N ALA B 275 -15.08 -36.65 4.91
CA ALA B 275 -15.02 -38.12 4.89
C ALA B 275 -15.64 -38.70 3.64
N LYS B 276 -16.71 -38.08 3.16
CA LYS B 276 -17.40 -38.60 1.99
C LYS B 276 -16.56 -38.36 0.71
N HIS B 277 -15.96 -37.18 0.63
CA HIS B 277 -15.01 -36.84 -0.46
C HIS B 277 -13.87 -37.83 -0.56
N ALA B 278 -13.19 -38.03 0.57
CA ALA B 278 -12.08 -38.97 0.66
C ALA B 278 -12.53 -40.42 0.38
N GLN B 279 -13.66 -40.82 0.95
CA GLN B 279 -14.23 -42.15 0.69
C GLN B 279 -14.46 -42.37 -0.83
N VAL B 280 -15.05 -41.39 -1.51
CA VAL B 280 -15.11 -41.45 -2.98
C VAL B 280 -13.71 -41.63 -3.58
N LEU B 281 -12.73 -40.87 -3.11
CA LEU B 281 -11.39 -40.96 -3.66
C LEU B 281 -10.83 -42.36 -3.45
N ASN B 282 -11.01 -42.88 -2.22
CA ASN B 282 -10.54 -44.23 -1.86
C ASN B 282 -11.20 -45.35 -2.64
N ARG B 283 -12.52 -45.24 -2.87
CA ARG B 283 -13.25 -46.28 -3.62
C ARG B 283 -12.77 -46.27 -5.08
N PHE B 284 -12.66 -45.06 -5.66
CA PHE B 284 -12.17 -44.91 -7.04
C PHE B 284 -10.76 -45.44 -7.19
N ASN B 285 -9.93 -45.15 -6.19
CA ASN B 285 -8.57 -45.63 -6.13
C ASN B 285 -8.47 -47.14 -6.10
N GLU B 286 -9.43 -47.77 -5.42
CA GLU B 286 -9.47 -49.22 -5.25
C GLU B 286 -10.02 -49.89 -6.51
N GLU B 287 -11.20 -49.46 -6.93
CA GLU B 287 -11.97 -50.17 -7.97
C GLU B 287 -11.61 -49.73 -9.37
N PHE B 288 -10.82 -48.67 -9.48
CA PHE B 288 -10.35 -48.23 -10.77
C PHE B 288 -8.82 -48.19 -10.86
N VAL B 289 -8.19 -47.32 -10.07
CA VAL B 289 -6.74 -47.14 -10.14
C VAL B 289 -5.98 -48.47 -9.89
N LYS B 290 -6.22 -49.10 -8.75
CA LYS B 290 -5.54 -50.36 -8.43
C LYS B 290 -5.97 -51.49 -9.34
N ALA B 291 -7.27 -51.54 -9.64
CA ALA B 291 -7.85 -52.61 -10.46
C ALA B 291 -7.31 -52.60 -11.90
N LYS B 292 -7.03 -51.41 -12.44
CA LYS B 292 -6.45 -51.32 -13.78
C LYS B 292 -4.93 -51.60 -13.82
N GLY B 293 -4.23 -51.25 -12.74
CA GLY B 293 -2.83 -51.66 -12.56
C GLY B 293 -1.78 -50.85 -13.30
N ASP B 294 -2.12 -50.27 -14.44
CA ASP B 294 -1.22 -49.36 -15.18
C ASP B 294 -1.59 -47.88 -15.08
N VAL B 295 -2.29 -47.51 -14.01
CA VAL B 295 -2.75 -46.13 -13.81
C VAL B 295 -1.95 -45.42 -12.73
N LYS B 296 -1.50 -44.20 -13.03
CA LYS B 296 -0.71 -43.38 -12.09
C LYS B 296 -1.53 -43.02 -10.84
N PRO B 297 -0.87 -42.58 -9.74
CA PRO B 297 -1.63 -42.20 -8.55
C PRO B 297 -2.78 -41.21 -8.82
N LEU B 298 -3.89 -41.40 -8.11
CA LEU B 298 -5.02 -40.47 -8.12
C LEU B 298 -4.58 -39.10 -7.62
N ILE B 299 -5.08 -38.05 -8.28
CA ILE B 299 -4.81 -36.67 -7.93
C ILE B 299 -6.11 -36.02 -7.45
N THR B 300 -6.01 -35.14 -6.46
CA THR B 300 -7.18 -34.48 -5.93
C THR B 300 -6.82 -33.10 -5.43
N VAL B 301 -7.84 -32.25 -5.31
CA VAL B 301 -7.75 -31.07 -4.45
C VAL B 301 -8.94 -31.07 -3.50
N PRO B 302 -8.67 -30.91 -2.19
CA PRO B 302 -9.75 -30.93 -1.19
C PRO B 302 -10.51 -29.60 -1.23
N THR B 303 -11.63 -29.51 -0.53
CA THR B 303 -12.40 -28.27 -0.51
C THR B 303 -11.62 -27.15 0.22
N GLU B 304 -10.88 -27.51 1.26
CA GLU B 304 -9.86 -26.61 1.84
C GLU B 304 -8.51 -26.85 1.12
N TYR B 305 -8.02 -25.88 0.36
CA TYR B 305 -6.82 -26.12 -0.47
C TYR B 305 -5.71 -25.07 -0.36
N ASP B 306 -5.90 -24.05 0.46
CA ASP B 306 -4.84 -23.10 0.73
C ASP B 306 -4.72 -23.05 2.24
N THR B 307 -3.58 -22.56 2.73
CA THR B 307 -3.27 -22.69 4.15
C THR B 307 -4.23 -21.93 5.04
N GLY B 308 -4.59 -20.69 4.61
CA GLY B 308 -5.66 -19.91 5.26
C GLY B 308 -6.93 -20.75 5.46
N ALA B 309 -7.29 -21.54 4.44
CA ALA B 309 -8.53 -22.34 4.51
C ALA B 309 -8.35 -23.61 5.33
N MET B 310 -7.16 -24.19 5.26
CA MET B 310 -6.85 -25.49 5.85
C MET B 310 -6.49 -25.46 7.32
N VAL B 311 -5.90 -24.35 7.74
CA VAL B 311 -5.26 -24.27 9.06
C VAL B 311 -5.77 -23.08 9.86
N SER B 312 -5.98 -23.32 11.15
CA SER B 312 -6.32 -22.30 12.12
C SER B 312 -5.42 -22.50 13.33
N ASN B 313 -4.54 -21.54 13.59
CA ASN B 313 -3.59 -21.58 14.71
C ASN B 313 -2.67 -22.82 14.74
N GLY B 314 -1.99 -23.06 13.63
CA GLY B 314 -1.02 -24.15 13.54
C GLY B 314 -1.61 -25.55 13.43
N GLN B 315 -2.94 -25.64 13.55
CA GLN B 315 -3.65 -26.94 13.53
C GLN B 315 -4.65 -27.02 12.38
N PRO B 316 -4.76 -28.21 11.76
CA PRO B 316 -5.74 -28.43 10.70
C PRO B 316 -7.18 -28.18 11.16
N ARG B 317 -7.92 -27.44 10.37
CA ARG B 317 -9.35 -27.30 10.60
C ARG B 317 -10.04 -28.66 10.44
N ALA B 318 -11.29 -28.74 10.85
CA ALA B 318 -12.00 -30.01 10.92
C ALA B 318 -12.05 -30.73 9.56
N TYR B 319 -12.38 -29.99 8.50
CA TYR B 319 -12.45 -30.57 7.17
C TYR B 319 -11.09 -31.19 6.79
N THR B 320 -10.03 -30.38 6.87
CA THR B 320 -8.69 -30.81 6.49
C THR B 320 -8.23 -31.97 7.35
N ARG B 321 -8.49 -31.84 8.67
CA ARG B 321 -8.19 -32.93 9.58
C ARG B 321 -8.86 -34.24 9.17
N ILE B 322 -10.16 -34.22 8.89
CA ILE B 322 -10.87 -35.48 8.55
C ILE B 322 -10.40 -36.00 7.19
N PHE B 323 -10.22 -35.09 6.23
CA PHE B 323 -9.77 -35.47 4.89
C PHE B 323 -8.39 -36.13 4.92
N ALA B 324 -7.41 -35.48 5.56
CA ALA B 324 -6.05 -36.05 5.76
C ALA B 324 -6.07 -37.44 6.38
N GLU B 325 -6.90 -37.62 7.41
CA GLU B 325 -6.91 -38.89 8.09
C GLU B 325 -7.67 -39.97 7.31
N THR B 326 -8.45 -39.58 6.30
CA THR B 326 -9.25 -40.55 5.54
C THR B 326 -8.67 -40.92 4.16
N VAL B 327 -8.11 -39.93 3.45
CA VAL B 327 -7.62 -40.17 2.07
C VAL B 327 -6.39 -41.11 2.05
N ASP B 328 -6.41 -42.14 1.20
CA ASP B 328 -5.30 -43.11 1.13
C ASP B 328 -3.97 -42.40 0.82
N PRO B 329 -2.86 -42.91 1.38
CA PRO B 329 -1.51 -42.34 1.29
C PRO B 329 -0.94 -42.21 -0.12
N SER B 330 -1.42 -43.03 -1.05
CA SER B 330 -0.95 -43.00 -2.44
C SER B 330 -1.62 -41.91 -3.31
N ILE B 331 -2.58 -41.18 -2.76
CA ILE B 331 -3.30 -40.18 -3.52
C ILE B 331 -2.53 -38.86 -3.44
N GLU B 332 -2.31 -38.23 -4.58
CA GLU B 332 -1.68 -36.91 -4.63
C GLU B 332 -2.66 -35.80 -4.30
N VAL B 333 -2.32 -35.02 -3.28
CA VAL B 333 -3.15 -33.92 -2.85
C VAL B 333 -2.45 -32.63 -3.29
N MET B 334 -3.18 -31.77 -4.00
CA MET B 334 -2.65 -30.47 -4.43
C MET B 334 -3.12 -29.40 -3.46
N TRP B 335 -2.28 -28.39 -3.27
CA TRP B 335 -2.65 -27.19 -2.54
C TRP B 335 -1.95 -26.02 -3.22
N THR B 336 -2.47 -24.81 -3.00
CA THR B 336 -2.10 -23.62 -3.77
C THR B 336 -1.09 -22.74 -3.04
N GLY B 337 -0.78 -23.09 -1.79
CA GLY B 337 0.10 -22.29 -0.97
C GLY B 337 -0.63 -21.64 0.18
N PRO B 338 -0.06 -20.58 0.80
CA PRO B 338 -0.63 -19.84 1.91
C PRO B 338 -2.01 -19.20 1.65
N GLY B 339 -2.27 -18.93 0.38
CA GLY B 339 -3.50 -18.30 -0.09
C GLY B 339 -3.80 -18.95 -1.43
N VAL B 340 -4.99 -18.66 -1.96
CA VAL B 340 -5.43 -19.14 -3.25
C VAL B 340 -4.57 -18.52 -4.37
N VAL B 341 -4.46 -17.19 -4.35
CA VAL B 341 -3.51 -16.48 -5.20
C VAL B 341 -2.66 -15.65 -4.25
N THR B 342 -1.38 -16.00 -4.17
CA THR B 342 -0.60 -15.62 -2.99
C THR B 342 0.79 -15.22 -3.46
N ASN B 343 1.46 -14.35 -2.69
CA ASN B 343 2.78 -13.85 -3.08
C ASN B 343 3.83 -14.96 -3.21
N GLU B 344 3.83 -15.87 -2.23
CA GLU B 344 4.92 -16.83 -2.07
C GLU B 344 4.46 -18.18 -1.54
N ILE B 345 5.26 -19.21 -1.79
CA ILE B 345 5.23 -20.39 -0.97
C ILE B 345 6.57 -20.56 -0.25
N PRO B 346 6.68 -20.07 1.00
CA PRO B 346 7.92 -20.32 1.69
C PRO B 346 8.00 -21.77 2.11
N LEU B 347 9.20 -22.24 2.40
CA LEU B 347 9.44 -23.63 2.77
C LEU B 347 8.63 -24.08 3.98
N SER B 348 8.50 -23.18 4.96
CA SER B 348 7.72 -23.44 6.20
C SER B 348 6.23 -23.73 5.92
N ASP B 349 5.68 -23.16 4.85
CA ASP B 349 4.30 -23.47 4.47
C ASP B 349 4.15 -24.88 3.90
N ALA B 350 5.07 -25.25 3.02
CA ALA B 350 5.11 -26.58 2.44
C ALA B 350 5.35 -27.62 3.51
N GLN B 351 6.23 -27.29 4.46
CA GLN B 351 6.49 -28.16 5.59
C GLN B 351 5.24 -28.39 6.43
N LEU B 352 4.52 -27.30 6.73
CA LEU B 352 3.28 -27.38 7.49
C LEU B 352 2.28 -28.34 6.83
N ILE B 353 2.00 -28.10 5.56
CA ILE B 353 0.99 -28.86 4.85
C ILE B 353 1.43 -30.32 4.65
N SER B 354 2.69 -30.51 4.23
CA SER B 354 3.26 -31.85 4.09
C SER B 354 3.12 -32.68 5.37
N GLY B 355 3.41 -32.09 6.54
CA GLY B 355 3.27 -32.77 7.83
C GLY B 355 1.81 -33.09 8.12
N ILE B 356 0.90 -32.19 7.76
CA ILE B 356 -0.52 -32.44 7.99
C ILE B 356 -1.01 -33.67 7.24
N TYR B 357 -0.62 -33.80 5.97
CA TYR B 357 -0.97 -34.94 5.13
C TYR B 357 0.06 -36.07 5.16
N ASP B 358 1.09 -35.91 5.99
CA ASP B 358 2.36 -36.66 5.91
C ASP B 358 2.55 -37.40 4.58
N ARG B 359 2.67 -36.60 3.53
CA ARG B 359 3.00 -37.08 2.21
C ARG B 359 3.63 -35.89 1.49
N ASN B 360 4.41 -36.16 0.43
CA ASN B 360 4.86 -35.11 -0.48
C ASN B 360 3.64 -34.55 -1.17
N MET B 361 3.57 -33.22 -1.22
CA MET B 361 2.42 -32.49 -1.75
C MET B 361 2.57 -32.17 -3.25
N ALA B 362 1.42 -31.95 -3.88
CA ALA B 362 1.38 -31.39 -5.23
C ALA B 362 1.00 -29.92 -5.09
N VAL B 363 1.55 -29.08 -5.99
CA VAL B 363 1.20 -27.68 -6.02
C VAL B 363 0.34 -27.34 -7.23
N TRP B 364 -0.79 -26.67 -6.94
CA TRP B 364 -1.57 -26.01 -7.96
C TRP B 364 -1.23 -24.52 -7.87
N TRP B 365 -0.39 -24.01 -8.77
CA TRP B 365 0.01 -22.60 -8.68
C TRP B 365 -0.86 -21.70 -9.54
N ASN B 366 -1.69 -20.89 -8.88
CA ASN B 366 -2.58 -19.96 -9.56
C ASN B 366 -1.86 -18.70 -10.09
N TYR B 367 -0.86 -18.92 -10.93
CA TYR B 367 -0.24 -17.85 -11.74
C TYR B 367 0.35 -18.61 -12.92
N PRO B 368 0.16 -18.14 -14.19
CA PRO B 368 -0.34 -16.84 -14.63
C PRO B 368 -1.85 -16.66 -14.80
N VAL B 369 -2.68 -17.55 -14.25
CA VAL B 369 -4.13 -17.44 -14.45
C VAL B 369 -4.62 -16.00 -14.15
N THR B 370 -5.54 -15.49 -14.97
CA THR B 370 -6.09 -14.13 -14.83
C THR B 370 -7.62 -14.05 -14.77
N ASP B 371 -8.25 -15.21 -14.55
CA ASP B 371 -9.70 -15.33 -14.67
C ASP B 371 -10.46 -14.48 -13.66
N TYR B 372 -9.73 -14.01 -12.65
CA TYR B 372 -10.30 -13.25 -11.54
C TYR B 372 -10.01 -11.77 -11.75
N PHE B 373 -9.22 -11.44 -12.77
CA PHE B 373 -8.86 -10.04 -13.03
C PHE B 373 -8.46 -9.95 -14.49
N LYS B 374 -9.44 -10.12 -15.36
CA LYS B 374 -9.19 -10.49 -16.76
C LYS B 374 -8.56 -9.40 -17.61
N GLY B 375 -8.69 -8.14 -17.20
CA GLY B 375 -8.12 -7.00 -17.97
C GLY B 375 -6.60 -6.99 -18.01
N LYS B 376 -5.98 -7.66 -17.05
CA LYS B 376 -4.52 -7.68 -17.01
C LYS B 376 -3.96 -9.01 -17.52
N LEU B 377 -2.86 -8.92 -18.27
CA LEU B 377 -2.11 -10.10 -18.67
C LEU B 377 -1.03 -10.38 -17.66
N ALA B 378 -0.84 -11.67 -17.32
CA ALA B 378 0.19 -12.02 -16.37
C ALA B 378 1.39 -12.58 -17.11
N LEU B 379 2.42 -11.75 -17.23
CA LEU B 379 3.56 -11.99 -18.11
C LEU B 379 4.90 -12.11 -17.37
N GLY B 380 4.85 -12.40 -16.07
CA GLY B 380 6.07 -12.48 -15.29
C GLY B 380 6.54 -13.92 -15.09
N PRO B 381 7.68 -14.09 -14.41
CA PRO B 381 8.19 -15.44 -14.15
C PRO B 381 7.52 -16.04 -12.91
N MET B 382 7.82 -17.32 -12.63
CA MET B 382 7.58 -17.91 -11.33
C MET B 382 8.32 -17.03 -10.32
N HIS B 383 7.59 -16.59 -9.31
CA HIS B 383 8.10 -15.63 -8.36
C HIS B 383 7.51 -15.96 -6.98
N GLY B 384 8.36 -16.12 -5.97
CA GLY B 384 7.88 -16.35 -4.60
C GLY B 384 7.92 -17.81 -4.17
N LEU B 385 8.26 -18.72 -5.07
CA LEU B 385 8.31 -20.13 -4.73
C LEU B 385 9.67 -20.46 -4.19
N ASP B 386 9.70 -20.98 -2.96
CA ASP B 386 10.95 -21.37 -2.32
C ASP B 386 11.81 -22.29 -3.21
N LYS B 387 13.09 -21.95 -3.36
CA LYS B 387 14.04 -22.83 -4.08
C LYS B 387 14.28 -24.20 -3.41
N GLY B 388 13.78 -24.40 -2.18
CA GLY B 388 13.90 -25.70 -1.52
C GLY B 388 12.62 -26.50 -1.43
N LEU B 389 11.64 -26.15 -2.26
CA LEU B 389 10.26 -26.66 -2.16
C LEU B 389 10.17 -28.16 -2.42
N ASN B 390 11.06 -28.64 -3.28
CA ASN B 390 11.15 -30.05 -3.65
C ASN B 390 11.34 -31.01 -2.46
N GLN B 391 11.71 -30.46 -1.30
CA GLN B 391 11.81 -31.28 -0.08
C GLN B 391 10.43 -31.79 0.33
N TYR B 392 9.39 -31.01 0.00
CA TYR B 392 8.03 -31.32 0.44
C TYR B 392 7.06 -31.51 -0.72
N VAL B 393 7.51 -31.18 -1.92
CA VAL B 393 6.68 -31.18 -3.10
C VAL B 393 7.30 -32.06 -4.18
N ASP B 394 6.51 -33.00 -4.70
CA ASP B 394 6.94 -33.90 -5.77
C ASP B 394 6.20 -33.71 -7.11
N PHE B 395 5.29 -32.73 -7.15
CA PHE B 395 4.37 -32.55 -8.24
C PHE B 395 4.04 -31.03 -8.34
N PHE B 396 4.35 -30.43 -9.50
CA PHE B 396 4.22 -28.98 -9.65
C PHE B 396 3.55 -28.57 -10.95
N THR B 397 2.43 -27.85 -10.85
CA THR B 397 1.67 -27.41 -12.02
C THR B 397 1.20 -25.96 -11.84
N VAL B 398 1.11 -25.23 -12.95
CA VAL B 398 0.60 -23.89 -12.92
C VAL B 398 -0.74 -23.86 -13.65
N ASN B 399 -1.63 -23.02 -13.15
CA ASN B 399 -2.87 -22.72 -13.80
C ASN B 399 -2.60 -21.48 -14.68
N PRO B 400 -2.69 -21.62 -16.01
CA PRO B 400 -2.37 -20.52 -16.95
C PRO B 400 -3.57 -19.57 -17.25
N MET B 401 -3.41 -18.66 -18.21
CA MET B 401 -4.46 -17.75 -18.64
C MET B 401 -5.29 -18.45 -19.72
N GLU B 402 -6.53 -18.01 -19.94
CA GLU B 402 -7.30 -18.40 -21.13
C GLU B 402 -6.59 -17.98 -22.41
N HIS B 403 -5.56 -17.14 -22.28
CA HIS B 403 -4.73 -16.63 -23.39
C HIS B 403 -3.54 -17.57 -23.52
N ALA B 404 -3.65 -18.53 -24.44
CA ALA B 404 -2.70 -19.64 -24.46
C ALA B 404 -1.30 -19.18 -24.88
N GLU B 405 -1.21 -18.32 -25.89
CA GLU B 405 0.08 -17.94 -26.43
C GLU B 405 0.88 -17.15 -25.40
N LEU B 406 0.27 -16.14 -24.77
CA LEU B 406 1.01 -15.29 -23.84
C LEU B 406 1.30 -15.96 -22.50
N SER B 407 0.58 -17.05 -22.20
CA SER B 407 0.91 -17.88 -21.01
C SER B 407 2.28 -18.57 -21.16
N LYS B 408 2.81 -18.64 -22.37
CA LYS B 408 4.04 -19.40 -22.63
C LYS B 408 5.24 -18.73 -21.95
N ILE B 409 5.17 -17.43 -21.72
CA ILE B 409 6.28 -16.70 -21.08
C ILE B 409 6.49 -17.26 -19.67
N SER B 410 5.43 -17.15 -18.88
CA SER B 410 5.43 -17.70 -17.54
C SER B 410 5.61 -19.22 -17.48
N ILE B 411 4.92 -19.93 -18.36
CA ILE B 411 5.06 -21.40 -18.40
C ILE B 411 6.53 -21.81 -18.65
N HIS B 412 7.20 -21.05 -19.52
CA HIS B 412 8.58 -21.27 -19.87
C HIS B 412 9.41 -21.25 -18.59
N THR B 413 9.18 -20.25 -17.73
CA THR B 413 9.93 -20.15 -16.46
C THR B 413 9.62 -21.29 -15.48
N ALA B 414 8.36 -21.72 -15.45
CA ALA B 414 7.90 -22.87 -14.65
C ALA B 414 8.65 -24.14 -15.03
N ALA B 415 8.88 -24.33 -16.33
CA ALA B 415 9.71 -25.42 -16.82
C ALA B 415 11.11 -25.38 -16.22
N ASP B 416 11.70 -24.19 -16.17
CA ASP B 416 13.04 -24.03 -15.59
C ASP B 416 13.01 -24.19 -14.07
N TYR B 417 12.04 -23.57 -13.41
CA TYR B 417 11.90 -23.72 -11.98
C TYR B 417 11.75 -25.19 -11.53
N SER B 418 10.92 -25.97 -12.22
CA SER B 418 10.61 -27.33 -11.75
C SER B 418 11.64 -28.39 -12.15
N TRP B 419 12.46 -28.10 -13.15
CA TRP B 419 13.53 -29.01 -13.59
C TRP B 419 14.85 -28.71 -12.91
N ASN B 420 15.20 -27.43 -12.78
CA ASN B 420 16.44 -27.04 -12.11
C ASN B 420 16.16 -26.00 -11.05
N MET B 421 15.60 -26.48 -9.93
CA MET B 421 15.00 -25.60 -8.91
C MET B 421 16.04 -24.79 -8.16
N ASP B 422 17.15 -25.42 -7.87
CA ASP B 422 18.21 -24.88 -7.01
C ASP B 422 18.91 -23.69 -7.67
N ASN B 423 19.04 -23.70 -8.99
CA ASN B 423 19.70 -22.60 -9.65
C ASN B 423 18.75 -21.58 -10.30
N TYR B 424 17.45 -21.77 -10.10
CA TYR B 424 16.44 -20.93 -10.72
C TYR B 424 16.62 -19.46 -10.33
N ASP B 425 16.66 -18.61 -11.35
CA ASP B 425 16.86 -17.17 -11.16
C ASP B 425 15.74 -16.51 -11.95
N TYR B 426 14.75 -15.96 -11.24
CA TYR B 426 13.54 -15.50 -11.89
C TYR B 426 13.80 -14.45 -12.98
N ASP B 427 14.70 -13.51 -12.72
CA ASP B 427 14.95 -12.43 -13.67
C ASP B 427 15.66 -12.97 -14.92
N LYS B 428 16.61 -13.85 -14.71
CA LYS B 428 17.33 -14.45 -15.81
C LYS B 428 16.40 -15.37 -16.61
N ALA B 429 15.56 -16.14 -15.91
CA ALA B 429 14.62 -17.04 -16.57
C ALA B 429 13.57 -16.28 -17.37
N TRP B 430 13.09 -15.17 -16.83
CA TRP B 430 12.13 -14.32 -17.51
C TRP B 430 12.73 -13.74 -18.79
N ASN B 431 13.93 -13.17 -18.69
CA ASN B 431 14.64 -12.67 -19.87
C ASN B 431 14.83 -13.76 -20.91
N ARG B 432 15.28 -14.93 -20.48
CA ARG B 432 15.56 -16.05 -21.37
C ARG B 432 14.28 -16.55 -22.07
N ALA B 433 13.15 -16.45 -21.36
CA ALA B 433 11.88 -16.88 -21.88
C ALA B 433 11.45 -16.01 -23.05
N ILE B 434 11.57 -14.69 -22.87
CA ILE B 434 11.20 -13.73 -23.92
C ILE B 434 12.20 -13.76 -25.08
N ASP B 435 13.49 -13.87 -24.79
CA ASP B 435 14.49 -14.07 -25.84
C ASP B 435 14.14 -15.27 -26.73
N MET B 436 13.83 -16.40 -26.10
CA MET B 436 13.61 -17.67 -26.82
C MET B 436 12.27 -17.68 -27.55
N LEU B 437 11.28 -17.03 -26.97
CA LEU B 437 9.95 -17.03 -27.55
C LEU B 437 9.78 -15.96 -28.63
N TYR B 438 10.53 -14.86 -28.53
CA TYR B 438 10.21 -13.65 -29.31
C TYR B 438 11.19 -13.22 -30.38
N GLY B 439 12.41 -13.76 -30.34
CA GLY B 439 13.35 -13.57 -31.43
C GLY B 439 13.76 -12.11 -31.59
N ASP B 440 13.60 -11.58 -32.81
CA ASP B 440 13.93 -10.18 -33.12
C ASP B 440 13.11 -9.19 -32.29
N LEU B 441 11.92 -9.62 -31.85
CA LEU B 441 11.01 -8.75 -31.10
C LEU B 441 11.18 -8.80 -29.56
N ALA B 442 12.15 -9.58 -29.12
CA ALA B 442 12.40 -9.83 -27.69
C ALA B 442 12.66 -8.56 -26.86
N GLU B 443 13.55 -7.70 -27.33
CA GLU B 443 13.86 -6.52 -26.53
C GLU B 443 12.63 -5.63 -26.35
N ASP B 444 11.82 -5.49 -27.41
CA ASP B 444 10.58 -4.69 -27.30
C ASP B 444 9.54 -5.38 -26.46
N MET B 445 9.45 -6.70 -26.60
CA MET B 445 8.45 -7.45 -25.83
C MET B 445 8.78 -7.40 -24.34
N LYS B 446 10.06 -7.36 -23.99
CA LYS B 446 10.45 -7.15 -22.58
C LYS B 446 10.00 -5.79 -22.03
N VAL B 447 10.13 -4.74 -22.82
CA VAL B 447 9.67 -3.42 -22.37
C VAL B 447 8.18 -3.48 -21.94
N PHE B 448 7.34 -4.03 -22.81
CA PHE B 448 5.91 -4.15 -22.57
C PHE B 448 5.62 -5.09 -21.38
N ALA B 449 6.15 -6.30 -21.46
CA ALA B 449 5.84 -7.35 -20.49
C ALA B 449 6.30 -6.99 -19.07
N ASN B 450 7.43 -6.27 -18.99
CA ASN B 450 7.98 -5.72 -17.75
C ASN B 450 6.95 -4.94 -16.94
N HIS B 451 6.00 -4.32 -17.63
CA HIS B 451 4.91 -3.55 -16.99
C HIS B 451 3.70 -4.41 -16.64
N SER B 452 3.78 -5.72 -16.84
CA SER B 452 2.56 -6.56 -16.73
C SER B 452 2.86 -7.89 -16.09
N THR B 453 3.55 -7.85 -14.95
CA THR B 453 3.94 -9.06 -14.22
C THR B 453 3.17 -9.24 -12.89
N ARG B 454 2.73 -8.14 -12.29
CA ARG B 454 2.13 -8.15 -10.97
C ARG B 454 0.63 -8.36 -11.11
N MET B 455 0.09 -9.35 -10.41
CA MET B 455 -1.36 -9.51 -10.38
C MET B 455 -1.91 -9.11 -9.02
N ASP B 456 -3.00 -8.35 -9.01
CA ASP B 456 -3.56 -7.82 -7.78
C ASP B 456 -5.01 -7.37 -8.03
N ASN B 457 -5.99 -8.06 -7.44
CA ASN B 457 -7.40 -7.67 -7.57
C ASN B 457 -7.85 -6.71 -6.47
N LYS B 458 -6.86 -6.23 -5.70
CA LYS B 458 -7.07 -5.26 -4.59
C LYS B 458 -7.65 -5.90 -3.31
N THR B 459 -8.03 -7.16 -3.36
CA THR B 459 -8.48 -7.79 -2.14
C THR B 459 -7.70 -9.08 -1.90
N TRP B 460 -8.33 -10.22 -2.17
CA TRP B 460 -7.82 -11.53 -1.79
C TRP B 460 -6.76 -12.11 -2.73
N ALA B 461 -6.63 -11.58 -3.94
CA ALA B 461 -5.77 -12.25 -4.89
C ALA B 461 -4.58 -11.36 -5.29
N LYS B 462 -3.37 -11.79 -4.96
CA LYS B 462 -2.15 -11.07 -5.34
C LYS B 462 -0.91 -11.97 -5.42
N SER B 463 -0.16 -11.82 -6.50
CA SER B 463 1.02 -12.61 -6.79
C SER B 463 1.75 -12.01 -7.98
N GLY B 464 3.03 -12.34 -8.08
CA GLY B 464 3.84 -11.95 -9.24
C GLY B 464 4.89 -10.95 -8.82
N ARG B 465 5.98 -10.91 -9.57
CA ARG B 465 6.99 -9.87 -9.46
C ARG B 465 6.33 -8.50 -9.67
N GLU B 466 6.84 -7.48 -8.98
CA GLU B 466 6.30 -6.12 -9.13
C GLU B 466 6.49 -5.64 -10.57
N ASP B 467 5.59 -4.80 -11.06
CA ASP B 467 5.73 -4.23 -12.40
C ASP B 467 6.94 -3.30 -12.42
N ALA B 468 7.68 -3.32 -13.54
CA ALA B 468 8.77 -2.40 -13.82
C ALA B 468 9.44 -1.78 -12.58
N PRO B 469 10.13 -2.60 -11.77
CA PRO B 469 10.68 -2.14 -10.48
C PRO B 469 11.75 -1.03 -10.60
N GLU B 470 12.58 -1.10 -11.63
CA GLU B 470 13.62 -0.09 -11.86
C GLU B 470 13.01 1.26 -12.16
N LEU B 471 12.00 1.29 -13.02
CA LEU B 471 11.32 2.51 -13.38
C LEU B 471 10.58 3.07 -12.15
N ARG B 472 9.97 2.16 -11.41
CA ARG B 472 9.34 2.53 -10.18
C ARG B 472 10.36 3.20 -9.25
N ALA B 473 11.61 2.73 -9.22
CA ALA B 473 12.60 3.35 -8.34
C ALA B 473 13.05 4.74 -8.83
N LYS B 474 13.07 4.96 -10.14
CA LYS B 474 13.41 6.27 -10.69
C LYS B 474 12.32 7.32 -10.43
N MET B 475 11.06 6.89 -10.52
CA MET B 475 9.90 7.71 -10.17
C MET B 475 9.95 8.18 -8.70
N ASP B 476 10.19 7.22 -7.78
CA ASP B 476 10.36 7.56 -6.37
C ASP B 476 11.43 8.62 -6.16
N GLU B 477 12.57 8.46 -6.83
CA GLU B 477 13.68 9.38 -6.67
C GLU B 477 13.33 10.77 -7.22
N LEU B 478 12.55 10.82 -8.30
CA LEU B 478 12.03 12.09 -8.82
C LEU B 478 11.29 12.86 -7.72
N TRP B 479 10.33 12.19 -7.09
CA TRP B 479 9.60 12.79 -5.97
C TRP B 479 10.50 13.16 -4.80
N ASN B 480 11.46 12.28 -4.48
CA ASN B 480 12.44 12.59 -3.46
C ASN B 480 13.18 13.89 -3.73
N LYS B 481 13.72 14.04 -4.94
CA LYS B 481 14.43 15.27 -5.33
C LYS B 481 13.53 16.51 -5.33
N LEU B 482 12.32 16.39 -5.88
CA LEU B 482 11.47 17.57 -6.02
C LEU B 482 11.03 18.06 -4.63
N SER B 483 10.58 17.15 -3.80
CA SER B 483 10.20 17.51 -2.44
C SER B 483 11.37 18.02 -1.59
N SER B 484 12.59 17.60 -1.95
CA SER B 484 13.82 18.12 -1.29
C SER B 484 14.33 19.39 -1.98
N LYS B 485 13.64 19.83 -3.03
CA LYS B 485 14.04 21.05 -3.74
C LYS B 485 15.44 20.89 -4.34
N GLU B 486 15.75 19.68 -4.81
CA GLU B 486 17.03 19.41 -5.45
C GLU B 486 16.78 19.38 -6.94
N ASP B 487 17.81 19.69 -7.72
CA ASP B 487 17.72 19.78 -9.17
C ASP B 487 17.45 18.42 -9.76
N ALA B 488 16.40 18.28 -10.54
CA ALA B 488 16.02 16.98 -11.07
C ALA B 488 16.11 16.95 -12.59
N SER B 489 16.79 17.93 -13.18
CA SER B 489 16.83 18.04 -14.63
C SER B 489 17.28 16.75 -15.33
N ALA B 490 18.31 16.13 -14.78
CA ALA B 490 18.89 14.93 -15.38
C ALA B 490 17.93 13.75 -15.26
N LEU B 491 17.30 13.61 -14.10
CA LEU B 491 16.34 12.53 -13.90
C LEU B 491 15.10 12.71 -14.76
N ILE B 492 14.63 13.95 -14.86
CA ILE B 492 13.52 14.23 -15.74
C ILE B 492 13.84 13.87 -17.21
N GLU B 493 15.04 14.22 -17.68
CA GLU B 493 15.43 13.94 -19.06
C GLU B 493 15.44 12.43 -19.30
N GLU B 494 15.90 11.70 -18.29
CA GLU B 494 15.96 10.26 -18.31
C GLU B 494 14.56 9.62 -18.40
N LEU B 495 13.62 10.11 -17.60
CA LEU B 495 12.26 9.59 -17.58
C LEU B 495 11.54 9.87 -18.90
N TYR B 496 11.82 11.02 -19.53
CA TYR B 496 11.32 11.23 -20.90
C TYR B 496 11.79 10.07 -21.79
N GLY B 497 13.07 9.67 -21.64
CA GLY B 497 13.68 8.60 -22.40
C GLY B 497 12.95 7.28 -22.18
N GLU B 498 12.61 6.99 -20.92
CA GLU B 498 11.88 5.79 -20.55
C GLU B 498 10.45 5.80 -21.12
N PHE B 499 9.75 6.94 -21.01
CA PHE B 499 8.39 6.97 -21.53
C PHE B 499 8.34 6.85 -23.03
N ALA B 500 9.31 7.46 -23.71
CA ALA B 500 9.37 7.40 -25.18
C ALA B 500 9.67 5.97 -25.62
N ARG B 501 10.49 5.27 -24.84
CA ARG B 501 10.83 3.89 -25.12
C ARG B 501 9.65 2.93 -24.93
N MET B 502 8.82 3.18 -23.92
CA MET B 502 7.63 2.37 -23.72
C MET B 502 6.71 2.48 -24.92
N GLU B 503 6.50 3.71 -25.36
CA GLU B 503 5.59 3.93 -26.48
C GLU B 503 6.16 3.35 -27.78
N GLU B 504 7.45 3.56 -28.06
CA GLU B 504 8.02 3.01 -29.28
C GLU B 504 7.99 1.48 -29.31
N ALA B 505 8.35 0.86 -28.19
CA ALA B 505 8.32 -0.59 -28.05
C ALA B 505 6.92 -1.16 -28.36
N CYS B 506 5.91 -0.56 -27.75
CA CYS B 506 4.51 -1.00 -27.98
C CYS B 506 4.07 -0.80 -29.41
N ASN B 507 4.48 0.31 -30.01
CA ASN B 507 4.19 0.53 -31.43
C ASN B 507 4.85 -0.49 -32.36
N ASN B 508 6.12 -0.79 -32.10
CA ASN B 508 6.81 -1.83 -32.84
C ASN B 508 6.07 -3.17 -32.68
N LEU B 509 5.56 -3.44 -31.47
CA LEU B 509 4.85 -4.69 -31.21
C LEU B 509 3.53 -4.80 -31.97
N LYS B 510 2.78 -3.69 -32.03
CA LYS B 510 1.54 -3.63 -32.80
C LYS B 510 1.79 -3.85 -34.29
N ALA B 511 2.93 -3.35 -34.79
CA ALA B 511 3.22 -3.44 -36.22
C ALA B 511 3.83 -4.81 -36.59
N ASN B 512 4.47 -5.48 -35.62
CA ASN B 512 5.26 -6.65 -35.96
C ASN B 512 4.98 -7.97 -35.24
N LEU B 513 4.23 -7.95 -34.12
CA LEU B 513 3.88 -9.19 -33.45
C LEU B 513 3.07 -10.07 -34.39
N PRO B 514 3.40 -11.38 -34.48
CA PRO B 514 2.52 -12.31 -35.20
C PRO B 514 1.17 -12.27 -34.55
N GLU B 515 0.14 -12.47 -35.37
CA GLU B 515 -1.26 -12.31 -34.98
C GLU B 515 -1.64 -13.16 -33.77
N VAL B 516 -1.06 -14.34 -33.67
CA VAL B 516 -1.38 -15.24 -32.57
C VAL B 516 -1.07 -14.56 -31.22
N ALA B 517 -0.02 -13.74 -31.22
CA ALA B 517 0.39 -13.00 -30.04
C ALA B 517 -0.45 -11.72 -29.90
N LEU B 518 -0.53 -10.98 -30.99
CA LEU B 518 -1.21 -9.69 -31.08
C LEU B 518 -2.68 -9.74 -30.64
N GLU B 519 -3.39 -10.80 -31.05
CA GLU B 519 -4.81 -10.98 -30.76
C GLU B 519 -5.09 -11.05 -29.27
N GLU B 520 -4.10 -11.49 -28.51
CA GLU B 520 -4.23 -11.64 -27.06
C GLU B 520 -3.88 -10.36 -26.30
N CYS B 521 -3.11 -9.45 -26.90
CA CYS B 521 -2.60 -8.27 -26.14
C CYS B 521 -2.77 -6.88 -26.77
N SER B 522 -3.45 -6.77 -27.91
CA SER B 522 -3.59 -5.49 -28.58
C SER B 522 -4.16 -4.35 -27.66
N ARG B 523 -5.15 -4.64 -26.83
CA ARG B 523 -5.74 -3.63 -25.96
C ARG B 523 -4.76 -3.15 -24.87
N GLN B 524 -3.96 -4.09 -24.33
CA GLN B 524 -3.04 -3.80 -23.23
C GLN B 524 -1.89 -2.98 -23.78
N LEU B 525 -1.56 -3.26 -25.04
CA LEU B 525 -0.57 -2.49 -25.78
C LEU B 525 -1.06 -1.05 -25.96
N ASP B 526 -2.30 -0.88 -26.42
CA ASP B 526 -2.88 0.45 -26.55
C ASP B 526 -2.91 1.18 -25.21
N GLU B 527 -3.21 0.43 -24.14
CA GLU B 527 -3.24 0.93 -22.78
C GLU B 527 -1.89 1.44 -22.28
N LEU B 528 -0.82 0.68 -22.52
CA LEU B 528 0.50 1.10 -22.08
C LEU B 528 0.96 2.37 -22.85
N ILE B 529 0.60 2.46 -24.13
CA ILE B 529 0.89 3.66 -24.94
C ILE B 529 0.14 4.86 -24.35
N THR B 530 -1.13 4.68 -24.04
CA THR B 530 -1.88 5.77 -23.41
C THR B 530 -1.20 6.22 -22.13
N LEU B 531 -0.84 5.25 -21.29
CA LEU B 531 -0.14 5.56 -20.05
C LEU B 531 1.17 6.28 -20.26
N ALA B 532 1.97 5.79 -21.20
CA ALA B 532 3.28 6.40 -21.51
C ALA B 532 3.07 7.86 -21.90
N GLN B 533 2.09 8.10 -22.77
CA GLN B 533 1.73 9.46 -23.17
C GLN B 533 1.29 10.38 -21.98
N GLY B 534 0.52 9.82 -21.05
CA GLY B 534 0.12 10.51 -19.81
C GLY B 534 1.29 10.76 -18.87
N ASP B 535 2.21 9.81 -18.82
CA ASP B 535 3.49 9.95 -18.10
C ASP B 535 4.37 11.07 -18.69
N LYS B 536 4.48 11.10 -20.01
CA LYS B 536 5.18 12.21 -20.66
C LYS B 536 4.54 13.56 -20.34
N ALA B 537 3.22 13.65 -20.47
CA ALA B 537 2.54 14.90 -20.19
C ALA B 537 2.67 15.32 -18.73
N SER B 538 2.71 14.33 -17.84
CA SER B 538 2.95 14.57 -16.42
C SER B 538 4.30 15.21 -16.19
N LEU B 539 5.35 14.70 -16.86
CA LEU B 539 6.66 15.39 -16.87
C LEU B 539 6.56 16.83 -17.39
N ASP B 540 5.86 17.06 -18.49
CA ASP B 540 5.61 18.42 -19.02
C ASP B 540 4.99 19.32 -17.94
N MET B 541 3.99 18.78 -17.23
CA MET B 541 3.31 19.44 -16.10
C MET B 541 4.27 19.83 -14.99
N ILE B 542 5.10 18.88 -14.53
CA ILE B 542 6.17 19.19 -13.58
C ILE B 542 7.12 20.28 -14.10
N VAL B 543 7.63 20.08 -15.31
CA VAL B 543 8.57 21.05 -15.88
C VAL B 543 7.95 22.47 -15.98
N ALA B 544 6.64 22.56 -16.21
CA ALA B 544 5.99 23.88 -16.29
C ALA B 544 5.89 24.56 -14.92
N GLN B 545 5.52 23.78 -13.91
CA GLN B 545 5.42 24.24 -12.53
C GLN B 545 6.77 24.79 -12.06
N LEU B 546 7.85 24.05 -12.36
CA LEU B 546 9.22 24.49 -12.08
C LEU B 546 9.63 25.71 -12.88
N ASN B 547 9.09 25.86 -14.09
CA ASN B 547 9.41 27.03 -14.90
C ASN B 547 8.43 28.17 -14.61
N GLU B 548 7.52 27.96 -13.66
CA GLU B 548 6.42 28.90 -13.36
C GLU B 548 5.66 29.36 -14.63
N ASP B 549 5.50 28.43 -15.56
CA ASP B 549 4.76 28.69 -16.77
C ASP B 549 3.33 28.10 -16.63
N THR B 550 2.42 28.97 -16.25
CA THR B 550 1.06 28.62 -15.88
C THR B 550 0.26 28.03 -17.05
N GLU B 551 0.46 28.57 -18.24
CA GLU B 551 -0.30 28.12 -19.39
C GLU B 551 0.21 26.77 -19.90
N ALA B 552 1.52 26.56 -19.86
CA ALA B 552 2.09 25.27 -20.19
C ALA B 552 1.71 24.19 -19.14
N TYR B 553 1.60 24.60 -17.86
CA TYR B 553 1.03 23.77 -16.78
C TYR B 553 -0.25 23.09 -17.34
N GLU B 554 -1.22 23.82 -17.90
CA GLU B 554 -2.61 23.83 -17.49
C GLU B 554 -2.99 22.94 -18.74
N SER B 555 -2.23 23.16 -19.81
CA SER B 555 -2.24 22.41 -21.03
C SER B 555 -1.64 21.01 -20.92
N ALA B 556 -0.53 20.86 -20.19
CA ALA B 556 0.04 19.53 -19.93
C ALA B 556 -0.85 18.70 -19.03
N LYS B 557 -1.39 19.35 -18.00
CA LYS B 557 -2.26 18.70 -17.02
C LYS B 557 -3.57 18.17 -17.62
N GLU B 558 -4.15 18.93 -18.56
CA GLU B 558 -5.34 18.50 -19.30
C GLU B 558 -5.04 17.18 -20.03
N ILE B 559 -3.92 17.15 -20.73
CA ILE B 559 -3.49 15.92 -21.41
C ILE B 559 -3.33 14.75 -20.42
N ALA B 560 -2.54 14.97 -19.37
CA ALA B 560 -2.27 13.96 -18.34
C ALA B 560 -3.55 13.37 -17.80
N GLN B 561 -4.47 14.23 -17.38
CA GLN B 561 -5.78 13.82 -16.84
C GLN B 561 -6.61 13.02 -17.87
N ASN B 562 -6.66 13.48 -19.12
CA ASN B 562 -7.38 12.78 -20.20
C ASN B 562 -6.83 11.38 -20.52
N LYS B 563 -5.49 11.25 -20.55
CA LYS B 563 -4.87 9.94 -20.69
C LYS B 563 -5.19 9.03 -19.48
N LEU B 564 -5.05 9.56 -18.28
CA LEU B 564 -5.40 8.76 -17.08
C LEU B 564 -6.86 8.31 -17.15
N ASN B 565 -7.76 9.23 -17.54
CA ASN B 565 -9.17 8.89 -17.67
C ASN B 565 -9.44 7.82 -18.73
N THR B 566 -8.80 7.91 -19.89
CA THR B 566 -8.85 6.80 -20.87
C THR B 566 -8.39 5.44 -20.26
N ALA B 567 -7.24 5.46 -19.62
CA ALA B 567 -6.68 4.25 -18.99
C ALA B 567 -7.58 3.65 -17.93
N LEU B 568 -8.18 4.49 -17.09
CA LEU B 568 -9.11 4.06 -16.05
C LEU B 568 -10.42 3.50 -16.59
N SER B 569 -10.96 4.08 -17.66
CA SER B 569 -12.21 3.61 -18.24
C SER B 569 -12.11 2.43 -19.21
N SER B 570 -10.91 2.04 -19.57
CA SER B 570 -10.72 0.94 -20.49
C SER B 570 -10.78 -0.39 -19.77
N PHE B 571 -11.26 -1.42 -20.46
CA PHE B 571 -11.11 -2.80 -19.97
C PHE B 571 -9.66 -3.24 -19.65
N ALA B 572 -8.71 -2.92 -20.52
CA ALA B 572 -7.31 -3.37 -20.39
C ALA B 572 -6.66 -2.72 -19.18
N VAL B 573 -5.80 -3.46 -18.48
CA VAL B 573 -5.20 -3.00 -17.22
C VAL B 573 -3.73 -3.36 -17.29
N ILE B 574 -2.87 -2.41 -16.95
CA ILE B 574 -1.42 -2.64 -17.00
C ILE B 574 -0.74 -1.59 -16.13
N SER B 575 0.37 -1.96 -15.51
CA SER B 575 1.29 -1.04 -14.83
C SER B 575 0.57 -0.17 -13.80
N GLU B 576 -0.34 -0.75 -13.02
CA GLU B 576 -1.11 0.04 -12.04
C GLU B 576 -0.26 0.87 -11.10
N LYS B 577 0.75 0.25 -10.50
CA LYS B 577 1.56 0.88 -9.46
C LYS B 577 2.69 1.71 -10.04
N VAL B 578 2.79 1.72 -11.37
CA VAL B 578 3.95 2.34 -12.03
C VAL B 578 3.50 3.44 -13.00
N ALA B 579 3.27 3.10 -14.27
CA ALA B 579 2.97 4.10 -15.30
C ALA B 579 1.64 4.78 -15.01
N GLN B 580 0.71 4.03 -14.44
CA GLN B 580 -0.59 4.59 -14.14
C GLN B 580 -0.53 5.48 -12.90
N SER B 581 0.05 4.94 -11.83
CA SER B 581 0.13 5.60 -10.54
C SER B 581 0.98 6.90 -10.63
N PHE B 582 2.03 6.87 -11.47
CA PHE B 582 2.85 8.06 -11.71
C PHE B 582 2.01 9.29 -12.09
N ILE B 583 1.01 9.11 -12.97
CA ILE B 583 0.15 10.24 -13.35
C ILE B 583 -0.61 10.77 -12.13
N GLN B 584 -1.25 9.86 -11.41
CA GLN B 584 -1.95 10.20 -10.18
C GLN B 584 -1.04 10.94 -9.19
N GLU B 585 0.18 10.44 -9.04
CA GLU B 585 1.18 11.07 -8.15
C GLU B 585 1.55 12.48 -8.62
N ALA B 586 1.72 12.61 -9.93
CA ALA B 586 2.10 13.88 -10.51
C ALA B 586 0.97 14.88 -10.34
N LEU B 587 -0.27 14.44 -10.53
CA LEU B 587 -1.42 15.34 -10.37
C LEU B 587 -1.61 15.78 -8.89
N SER B 588 -1.13 14.96 -7.94
CA SER B 588 -1.28 15.25 -6.51
C SER B 588 -0.11 16.03 -5.91
N PHE B 589 0.92 16.29 -6.72
CA PHE B 589 2.11 16.99 -6.22
C PHE B 589 1.96 18.46 -6.46
N ASP B 590 1.83 19.24 -5.40
CA ASP B 590 1.64 20.66 -5.58
C ASP B 590 2.97 21.39 -5.68
N LEU B 591 3.36 21.71 -6.90
CA LEU B 591 4.56 22.55 -7.04
C LEU B 591 4.21 24.02 -7.31
N THR B 592 2.94 24.38 -7.17
CA THR B 592 2.54 25.77 -7.37
C THR B 592 2.76 26.51 -6.05
N LEU B 593 3.23 25.78 -5.04
CA LEU B 593 3.41 26.34 -3.73
C LEU B 593 4.61 27.26 -3.75
N ILE B 594 4.31 28.55 -3.66
CA ILE B 594 5.30 29.60 -3.81
C ILE B 594 4.84 30.85 -3.04
#